data_4HSU
#
_entry.id   4HSU
#
_cell.length_a   62.754
_cell.length_b   89.481
_cell.length_c   88.349
_cell.angle_alpha   90.00
_cell.angle_beta   102.89
_cell.angle_gamma   90.00
#
_symmetry.space_group_name_H-M   'P 1 21 1'
#
loop_
_entity.id
_entity.type
_entity.pdbx_description
1 polymer 'Lysine-specific histone demethylase 1B'
2 polymer 'Putative oxidoreductase GLYR1'
3 polymer 'Histone H3'
4 non-polymer 'FLAVIN-ADENINE DINUCLEOTIDE'
5 non-polymer 'ZINC ION'
6 water water
#
loop_
_entity_poly.entity_id
_entity_poly.type
_entity_poly.pdbx_seq_one_letter_code
_entity_poly.pdbx_strand_id
1 'polypeptide(L)'
;PLGSRKCEKAGCTATCPVCFASASERCAKNGYTSRWYHLSCGEHFCNECFDHYYRSHKDGYDKYTTWKKIWTSNGKTEPS
PKAFMADQQLPYWVQCTKPECRKWRQLTKEIQLTPQIAKTYRCGMKPNTAIKPETSDHCSLPEDLRVLEVSNHWWYSMLI
LPPLLKDSVAAPLLSAYYPDCVGMSPSCTSTNRAAATGNASPGKLEHSKAALSVHVPGMNRYFQPFYQPNECGKALCVRP
DVMELDELYEFPEYSRDPTMYLALRNLILALWYTNCKEALTPQKCIPHIIVRGLVRIRCVQEVERILYFMTRKGLINTGV
LSVGADQYLLPKDYHNKSVIIIGAGPAGLAAARQLHNFGIKVTVLEAKDRIGGRVWDDKSFKGVTVGRGAQIVNGCINNP
VALMCEQLGISMHKFGERCDLIQEGGRITDPTIDKRMDFHFNALLDVVSEWRKDKTQLQDVPLGEKIEEIYKAFIKESGI
QFSELEGQVLQFHLSNLEYACGSNLHQVSARSWDHNEFFAQFAGDHTLLTPGYSVIIEKLAEGLDIQLKSPVQCIDYSGD
EVQVTTTDGTGYSAQKVLVTVPLALLQKGAIQFNPPLSEKKMKAINSLGAGIIEKIALQFPYRFWDSKVQGADFFGHVPP
SASKRGLFAVFYDMDPQKKHSVLMSVIAGEAVASVRTLDDKQVLQQCMATLRELFKEQEVPDPTKYFVTRWSTDPWIQMA
YSFVKTGGSGEAYDIIAEDIQGTVFFAGEATNRHFPQTVTGAYLSGVREASKIAAF
;
A
2 'polypeptide(L)'
;PLGSPEFSERGSKSPLKRAQEQSPRKRGRPPKDEKDLTIPESSTVKGMMAGPMAAFKWQPTASEPVKDADPHFHHFLLSQ
TEKPAVCYQAITKKLKICEEETGSTSIQAADSTAVNGSITPTDK
;
B
3 'polypeptide(L)' ARTMQTARKSTGGKAPRKQLATKAARKSAP C
#
# COMPACT_ATOMS: atom_id res chain seq x y z
N GLY A 3 21.13 -42.06 37.81
CA GLY A 3 20.84 -40.92 36.95
C GLY A 3 22.07 -40.38 36.25
N SER A 4 21.86 -39.36 35.42
CA SER A 4 22.98 -38.76 34.70
C SER A 4 23.07 -37.25 34.84
N ARG A 5 24.18 -36.73 34.32
CA ARG A 5 24.47 -35.33 34.28
C ARG A 5 24.51 -34.85 32.83
N LYS A 6 24.27 -35.75 31.89
CA LYS A 6 24.35 -35.43 30.47
C LYS A 6 22.98 -35.15 29.86
N CYS A 7 22.96 -34.39 28.77
CA CYS A 7 21.70 -34.03 28.12
C CYS A 7 21.34 -34.97 26.98
N GLU A 8 20.04 -35.20 26.80
CA GLU A 8 19.53 -36.02 25.70
C GLU A 8 19.98 -35.50 24.34
N LYS A 9 19.81 -34.20 24.13
CA LYS A 9 20.06 -33.59 22.82
C LYS A 9 21.50 -33.77 22.36
N ALA A 10 21.66 -34.24 21.13
CA ALA A 10 22.97 -34.38 20.52
C ALA A 10 23.53 -33.02 20.14
N GLY A 11 24.74 -32.73 20.61
CA GLY A 11 25.41 -31.50 20.25
C GLY A 11 25.16 -30.36 21.22
N CYS A 12 24.42 -30.64 22.29
CA CYS A 12 24.16 -29.62 23.30
C CYS A 12 25.42 -29.33 24.11
N THR A 13 25.74 -28.05 24.24
CA THR A 13 26.98 -27.65 24.92
C THR A 13 26.78 -27.40 26.41
N ALA A 14 25.63 -27.84 26.94
CA ALA A 14 25.35 -27.70 28.37
C ALA A 14 26.13 -28.74 29.19
N THR A 15 27.28 -28.32 29.72
CA THR A 15 28.13 -29.21 30.48
C THR A 15 27.65 -29.38 31.93
N CYS A 16 26.58 -28.67 32.29
CA CYS A 16 26.01 -28.78 33.63
C CYS A 16 24.54 -28.41 33.65
N PRO A 17 23.67 -29.31 33.14
CA PRO A 17 22.23 -29.09 33.13
C PRO A 17 21.66 -28.84 34.53
N VAL A 18 20.76 -27.87 34.65
CA VAL A 18 20.06 -27.64 35.90
C VAL A 18 18.57 -27.46 35.60
N CYS A 19 17.71 -27.85 36.53
CA CYS A 19 16.27 -27.78 36.26
C CYS A 19 15.69 -26.39 36.56
N PHE A 20 15.00 -25.82 35.58
CA PHE A 20 14.39 -24.51 35.72
C PHE A 20 13.00 -24.62 36.34
N ALA A 21 12.41 -25.80 36.22
CA ALA A 21 11.02 -26.00 36.66
C ALA A 21 10.86 -26.04 38.18
N SER A 22 11.64 -26.90 38.84
CA SER A 22 11.50 -27.16 40.27
C SER A 22 10.03 -27.23 40.66
N ALA A 23 9.29 -28.07 39.95
CA ALA A 23 7.86 -28.23 40.19
C ALA A 23 7.60 -29.42 41.08
N SER A 24 8.37 -30.48 40.89
CA SER A 24 8.25 -31.68 41.70
C SER A 24 8.95 -31.48 43.03
N GLU A 25 8.35 -31.99 44.11
CA GLU A 25 9.00 -31.99 45.41
C GLU A 25 10.27 -32.84 45.33
N ARG A 26 10.38 -33.60 44.23
CA ARG A 26 11.47 -34.48 43.96
C ARG A 26 12.46 -33.97 42.91
N CYS A 27 12.33 -32.68 42.56
CA CYS A 27 13.18 -32.08 41.53
C CYS A 27 14.65 -32.38 41.78
N ALA A 28 15.36 -32.71 40.71
CA ALA A 28 16.78 -33.06 40.79
C ALA A 28 17.72 -31.86 40.94
N LYS A 29 17.23 -30.66 40.63
CA LYS A 29 18.05 -29.45 40.68
C LYS A 29 19.27 -29.63 39.78
N ASN A 30 20.45 -29.46 40.38
CA ASN A 30 21.71 -29.53 39.67
C ASN A 30 22.36 -30.90 39.74
N GLY A 31 21.61 -31.88 40.22
CA GLY A 31 22.15 -33.20 40.48
C GLY A 31 21.82 -34.24 39.42
N TYR A 32 21.70 -35.48 39.86
CA TYR A 32 21.43 -36.60 38.96
C TYR A 32 19.95 -36.83 38.72
N THR A 33 19.62 -37.20 37.49
CA THR A 33 18.26 -37.55 37.13
C THR A 33 18.32 -38.60 36.02
N SER A 34 17.27 -39.39 35.90
CA SER A 34 17.24 -40.45 34.88
C SER A 34 17.37 -39.85 33.48
N ARG A 35 16.86 -38.63 33.30
CA ARG A 35 16.91 -37.98 32.00
C ARG A 35 16.74 -36.46 32.10
N TRP A 36 17.63 -35.74 31.44
CA TRP A 36 17.50 -34.29 31.33
C TRP A 36 16.79 -33.95 30.03
N TYR A 37 15.65 -33.27 30.13
CA TYR A 37 14.91 -32.85 28.96
C TYR A 37 15.33 -31.46 28.50
N HIS A 38 15.60 -31.35 27.20
CA HIS A 38 16.22 -30.16 26.63
C HIS A 38 15.22 -29.24 25.93
N LEU A 39 15.25 -27.96 26.28
CA LEU A 39 14.44 -26.94 25.61
C LEU A 39 15.32 -26.06 24.75
N SER A 40 16.47 -25.67 25.31
CA SER A 40 17.50 -24.95 24.57
C SER A 40 18.84 -25.30 25.18
N CYS A 41 19.93 -24.75 24.63
CA CYS A 41 21.26 -25.04 25.15
C CYS A 41 21.43 -24.60 26.60
N GLY A 42 20.57 -23.71 27.07
CA GLY A 42 20.69 -23.17 28.40
C GLY A 42 19.53 -23.50 29.32
N GLU A 43 18.59 -24.29 28.82
CA GLU A 43 17.36 -24.57 29.56
C GLU A 43 16.99 -26.06 29.52
N HIS A 44 16.91 -26.66 30.70
CA HIS A 44 16.53 -28.07 30.82
C HIS A 44 15.62 -28.29 32.01
N PHE A 45 14.88 -29.40 31.99
CA PHE A 45 14.13 -29.82 33.16
C PHE A 45 14.29 -31.32 33.40
N CYS A 46 14.36 -31.71 34.67
CA CYS A 46 14.67 -33.09 35.05
C CYS A 46 13.47 -34.02 34.86
N ASN A 47 13.76 -35.32 34.81
CA ASN A 47 12.72 -36.33 34.62
C ASN A 47 11.65 -36.33 35.70
N GLU A 48 11.99 -35.85 36.89
CA GLU A 48 11.03 -35.81 37.99
C GLU A 48 9.95 -34.76 37.72
N CYS A 49 10.38 -33.57 37.30
CA CYS A 49 9.44 -32.49 37.01
C CYS A 49 8.63 -32.79 35.75
N PHE A 50 9.28 -33.43 34.77
CA PHE A 50 8.59 -33.98 33.61
C PHE A 50 7.41 -34.85 34.07
N ASP A 51 7.71 -35.87 34.86
CA ASP A 51 6.67 -36.76 35.37
C ASP A 51 5.62 -36.01 36.20
N HIS A 52 6.07 -34.96 36.89
CA HIS A 52 5.17 -34.18 37.74
C HIS A 52 3.92 -33.71 37.01
N TYR A 53 4.07 -33.39 35.72
CA TYR A 53 2.95 -32.96 34.91
C TYR A 53 2.42 -34.08 34.01
N TYR A 54 3.33 -34.89 33.49
CA TYR A 54 3.00 -35.89 32.48
C TYR A 54 2.25 -37.10 33.03
N ARG A 55 2.55 -37.49 34.27
CA ARG A 55 1.96 -38.67 34.88
C ARG A 55 0.65 -38.36 35.61
N SER A 56 -0.36 -39.21 35.41
CA SER A 56 -1.69 -38.96 35.96
C SER A 56 -1.71 -38.93 37.49
N HIS A 57 -0.79 -39.66 38.11
CA HIS A 57 -0.77 -39.77 39.56
C HIS A 57 0.11 -38.72 40.23
N LYS A 58 0.49 -37.70 39.46
CA LYS A 58 1.32 -36.62 39.99
C LYS A 58 0.54 -35.32 40.12
N ASP A 59 0.99 -34.46 41.04
CA ASP A 59 0.25 -33.26 41.42
C ASP A 59 0.10 -32.21 40.32
N GLY A 60 1.00 -32.23 39.35
CA GLY A 60 1.00 -31.23 38.29
C GLY A 60 0.25 -31.67 37.05
N TYR A 61 -0.41 -32.82 37.14
CA TYR A 61 -1.10 -33.40 36.01
C TYR A 61 -2.34 -32.59 35.63
N ASP A 62 -3.08 -32.15 36.64
CA ASP A 62 -4.24 -31.30 36.43
C ASP A 62 -3.87 -30.09 35.58
N LYS A 63 -2.90 -29.33 36.05
CA LYS A 63 -2.44 -28.11 35.38
C LYS A 63 -2.03 -28.39 33.93
N TYR A 64 -1.52 -29.58 33.67
CA TYR A 64 -1.06 -29.94 32.33
C TYR A 64 -2.18 -30.41 31.41
N THR A 65 -3.20 -31.04 31.99
CA THR A 65 -4.35 -31.48 31.22
C THR A 65 -5.29 -30.33 30.87
N THR A 66 -5.45 -29.38 31.80
CA THR A 66 -6.27 -28.21 31.55
C THR A 66 -5.67 -27.38 30.41
N TRP A 67 -4.38 -27.07 30.53
CA TRP A 67 -3.64 -26.37 29.49
C TRP A 67 -3.73 -27.13 28.18
N LYS A 68 -3.69 -28.46 28.27
CA LYS A 68 -3.75 -29.29 27.08
C LYS A 68 -5.11 -29.19 26.39
N LYS A 69 -6.13 -28.81 27.15
CA LYS A 69 -7.48 -28.64 26.61
C LYS A 69 -7.65 -27.28 25.92
N ILE A 70 -7.22 -26.22 26.59
CA ILE A 70 -7.24 -24.89 26.00
C ILE A 70 -6.44 -24.90 24.71
N TRP A 71 -5.27 -25.53 24.77
CA TRP A 71 -4.38 -25.63 23.63
C TRP A 71 -5.01 -26.46 22.51
N THR A 72 -6.15 -27.10 22.79
CA THR A 72 -6.83 -27.88 21.77
C THR A 72 -7.98 -27.11 21.13
N SER A 73 -8.74 -26.40 21.94
CA SER A 73 -9.84 -25.59 21.42
C SER A 73 -9.33 -24.29 20.77
N ASN A 74 -8.01 -24.17 20.68
CA ASN A 74 -7.37 -22.92 20.30
C ASN A 74 -6.18 -23.02 19.35
N GLY A 75 -5.56 -24.20 19.27
CA GLY A 75 -4.37 -24.36 18.45
C GLY A 75 -4.28 -25.57 17.52
N LYS A 76 -3.22 -25.62 16.71
CA LYS A 76 -3.02 -26.66 15.69
C LYS A 76 -1.72 -27.41 15.91
N THR A 77 -0.99 -27.03 16.95
CA THR A 77 0.21 -27.75 17.31
C THR A 77 -0.08 -28.72 18.46
N GLU A 78 0.67 -29.80 18.51
CA GLU A 78 0.45 -30.84 19.52
C GLU A 78 0.93 -30.34 20.87
N PRO A 79 0.09 -30.49 21.91
CA PRO A 79 0.42 -30.09 23.28
C PRO A 79 1.38 -31.11 23.92
N SER A 80 2.67 -30.91 23.72
CA SER A 80 3.67 -31.78 24.35
C SER A 80 4.10 -31.16 25.68
N PRO A 81 4.69 -31.98 26.56
CA PRO A 81 5.17 -31.43 27.84
C PRO A 81 6.19 -30.33 27.61
N LYS A 82 7.04 -30.49 26.60
CA LYS A 82 8.03 -29.46 26.27
C LYS A 82 7.35 -28.17 25.84
N ALA A 83 6.26 -28.29 25.08
CA ALA A 83 5.48 -27.12 24.69
C ALA A 83 4.85 -26.49 25.91
N PHE A 84 4.30 -27.31 26.81
CA PHE A 84 3.71 -26.81 28.03
C PHE A 84 4.75 -26.05 28.84
N MET A 85 5.97 -26.60 28.89
CA MET A 85 7.06 -26.00 29.65
C MET A 85 7.42 -24.63 29.10
N ALA A 86 7.68 -24.58 27.79
CA ALA A 86 8.08 -23.35 27.11
C ALA A 86 6.99 -22.29 27.18
N ASP A 87 5.74 -22.74 27.32
CA ASP A 87 4.59 -21.85 27.28
C ASP A 87 4.13 -21.43 28.68
N GLN A 88 4.45 -22.25 29.69
CA GLN A 88 3.83 -22.08 31.00
C GLN A 88 4.78 -21.98 32.18
N GLN A 89 5.95 -22.62 32.10
CA GLN A 89 6.82 -22.70 33.26
C GLN A 89 8.16 -21.99 33.10
N LEU A 90 8.68 -21.93 31.88
CA LEU A 90 9.96 -21.28 31.65
C LEU A 90 9.98 -19.87 32.24
N PRO A 91 11.01 -19.55 33.03
CA PRO A 91 11.16 -18.20 33.58
C PRO A 91 11.32 -17.16 32.48
N TYR A 92 10.88 -15.94 32.73
CA TYR A 92 11.06 -14.85 31.79
C TYR A 92 12.43 -14.23 31.95
N TRP A 93 12.89 -13.58 30.89
CA TRP A 93 14.12 -12.82 30.91
C TRP A 93 13.84 -11.40 30.46
N VAL A 94 14.51 -10.43 31.08
CA VAL A 94 14.26 -9.04 30.77
C VAL A 94 15.58 -8.28 30.80
N GLN A 95 15.72 -7.30 29.91
CA GLN A 95 16.99 -6.61 29.79
C GLN A 95 17.02 -5.33 30.60
N CYS A 96 18.04 -5.16 31.44
CA CYS A 96 18.22 -3.95 32.23
C CYS A 96 18.19 -2.72 31.33
N THR A 97 17.46 -1.71 31.70
CA THR A 97 17.35 -0.50 30.89
C THR A 97 18.38 0.58 31.22
N LYS A 98 19.14 0.41 32.28
CA LYS A 98 20.20 1.36 32.54
C LYS A 98 21.17 1.37 31.36
N PRO A 99 21.32 2.54 30.72
CA PRO A 99 22.11 2.70 29.50
C PRO A 99 23.49 2.03 29.56
N GLU A 100 24.22 2.24 30.64
CA GLU A 100 25.59 1.71 30.74
C GLU A 100 25.67 0.29 31.29
N CYS A 101 24.52 -0.34 31.50
CA CYS A 101 24.47 -1.74 31.92
C CYS A 101 23.95 -2.62 30.79
N ARG A 102 22.64 -2.60 30.60
CA ARG A 102 21.98 -3.36 29.53
C ARG A 102 22.20 -4.88 29.67
N LYS A 103 22.36 -5.35 30.90
CA LYS A 103 22.50 -6.78 31.15
C LYS A 103 21.13 -7.46 31.12
N TRP A 104 21.09 -8.69 30.60
CA TRP A 104 19.89 -9.50 30.64
C TRP A 104 19.78 -10.25 31.97
N ARG A 105 18.60 -10.27 32.55
CA ARG A 105 18.34 -10.89 33.84
C ARG A 105 17.21 -11.90 33.84
N GLN A 106 17.39 -13.01 34.55
CA GLN A 106 16.31 -13.99 34.71
C GLN A 106 15.39 -13.54 35.84
N LEU A 107 14.09 -13.50 35.57
CA LEU A 107 13.12 -13.17 36.62
C LEU A 107 12.73 -14.43 37.38
N THR A 108 12.44 -14.30 38.67
CA THR A 108 12.05 -15.45 39.47
C THR A 108 10.76 -16.07 38.94
N LYS A 109 10.63 -17.38 39.11
CA LYS A 109 9.63 -18.17 38.40
C LYS A 109 8.18 -17.75 38.63
N GLU A 110 7.92 -16.96 39.68
CA GLU A 110 6.56 -16.54 39.96
C GLU A 110 6.21 -15.22 39.27
N ILE A 111 7.23 -14.50 38.82
CA ILE A 111 7.03 -13.20 38.19
C ILE A 111 6.55 -13.34 36.74
N GLN A 112 5.47 -12.63 36.41
CA GLN A 112 4.91 -12.63 35.06
C GLN A 112 5.30 -11.35 34.33
N LEU A 113 6.19 -11.46 33.35
CA LEU A 113 6.69 -10.30 32.63
C LEU A 113 5.58 -9.58 31.88
N THR A 114 5.53 -8.26 32.04
CA THR A 114 4.58 -7.43 31.31
C THR A 114 5.34 -6.37 30.52
N PRO A 115 4.65 -5.70 29.58
CA PRO A 115 5.29 -4.60 28.84
C PRO A 115 5.76 -3.48 29.78
N GLN A 116 4.98 -3.18 30.80
CA GLN A 116 5.36 -2.12 31.72
C GLN A 116 6.61 -2.46 32.49
N ILE A 117 6.73 -3.72 32.92
CA ILE A 117 7.93 -4.17 33.59
C ILE A 117 9.15 -4.07 32.68
N ALA A 118 8.99 -4.50 31.43
CA ALA A 118 10.12 -4.51 30.50
C ALA A 118 10.54 -3.10 30.14
N LYS A 119 9.57 -2.20 30.12
CA LYS A 119 9.78 -0.83 29.69
C LYS A 119 10.74 -0.09 30.63
N THR A 120 10.66 -0.38 31.93
CA THR A 120 11.43 0.36 32.91
C THR A 120 12.41 -0.47 33.72
N TYR A 121 12.50 -1.76 33.44
CA TYR A 121 13.27 -2.67 34.29
C TYR A 121 14.73 -2.27 34.48
N ARG A 122 15.21 -2.39 35.71
CA ARG A 122 16.63 -2.31 36.01
C ARG A 122 17.00 -3.50 36.88
N CYS A 123 18.28 -3.89 36.86
CA CYS A 123 18.75 -4.99 37.67
C CYS A 123 18.32 -4.81 39.12
N GLY A 124 17.85 -5.90 39.73
CA GLY A 124 17.46 -5.86 41.13
C GLY A 124 16.01 -5.50 41.40
N MET A 125 15.29 -5.01 40.40
CA MET A 125 13.91 -4.60 40.64
C MET A 125 13.05 -5.79 41.11
N LYS A 126 12.63 -5.74 42.37
CA LYS A 126 11.86 -6.85 42.94
C LYS A 126 10.36 -6.55 42.90
N SER A 136 23.35 -3.12 47.21
CA SER A 136 24.51 -3.33 46.35
C SER A 136 24.26 -2.84 44.93
N ASP A 137 25.34 -2.79 44.14
CA ASP A 137 25.22 -2.47 42.73
C ASP A 137 24.77 -3.71 41.97
N HIS A 138 23.46 -3.91 41.90
CA HIS A 138 22.90 -5.06 41.18
C HIS A 138 23.37 -5.12 39.74
N CYS A 139 23.66 -3.96 39.15
CA CYS A 139 24.09 -3.89 37.76
C CYS A 139 25.52 -4.41 37.58
N SER A 140 26.24 -4.62 38.68
CA SER A 140 27.63 -5.07 38.59
C SER A 140 27.77 -6.59 38.64
N LEU A 141 26.74 -7.25 39.16
CA LEU A 141 26.71 -8.71 39.14
C LEU A 141 26.84 -9.22 37.72
N PRO A 142 27.75 -10.18 37.50
CA PRO A 142 27.99 -10.68 36.14
C PRO A 142 26.71 -11.18 35.48
N GLU A 143 26.63 -11.01 34.17
CA GLU A 143 25.49 -11.51 33.41
C GLU A 143 25.59 -13.03 33.32
N ASP A 144 24.46 -13.71 33.52
CA ASP A 144 24.40 -15.15 33.34
C ASP A 144 25.06 -15.53 32.01
N LEU A 145 26.05 -16.41 32.08
CA LEU A 145 26.83 -16.79 30.89
C LEU A 145 25.96 -17.32 29.75
N ARG A 146 24.77 -17.80 30.07
CA ARG A 146 23.87 -18.35 29.06
C ARG A 146 23.37 -17.31 28.07
N VAL A 147 23.38 -16.05 28.48
CA VAL A 147 22.86 -14.98 27.65
C VAL A 147 23.66 -14.80 26.36
N LEU A 148 24.98 -14.75 26.48
CA LEU A 148 25.86 -14.63 25.31
C LEU A 148 25.61 -15.74 24.29
N GLU A 149 25.43 -16.96 24.79
CA GLU A 149 25.23 -18.12 23.93
C GLU A 149 24.12 -17.90 22.91
N VAL A 150 23.10 -17.16 23.31
CA VAL A 150 21.92 -16.97 22.47
C VAL A 150 22.26 -16.35 21.11
N SER A 151 23.34 -15.59 21.06
CA SER A 151 23.71 -14.93 19.81
C SER A 151 24.68 -15.75 18.96
N ASN A 152 24.69 -17.07 19.19
CA ASN A 152 25.38 -17.99 18.30
C ASN A 152 24.37 -18.58 17.32
N HIS A 153 24.66 -18.54 16.03
CA HIS A 153 23.69 -18.95 15.02
C HIS A 153 23.16 -20.35 15.25
N TRP A 154 24.00 -21.22 15.82
CA TRP A 154 23.59 -22.59 16.11
C TRP A 154 22.70 -22.67 17.35
N TRP A 155 22.63 -21.59 18.12
CA TRP A 155 21.80 -21.58 19.32
C TRP A 155 20.35 -21.86 18.94
N TYR A 156 19.84 -21.13 17.96
CA TYR A 156 18.47 -21.30 17.53
C TYR A 156 18.24 -22.70 16.97
N SER A 157 19.26 -23.21 16.28
CA SER A 157 19.14 -24.51 15.62
C SER A 157 18.90 -25.62 16.63
N MET A 158 19.36 -25.40 17.86
CA MET A 158 19.15 -26.36 18.93
C MET A 158 18.03 -25.97 19.88
N LEU A 159 17.18 -25.06 19.42
CA LEU A 159 15.92 -24.79 20.11
C LEU A 159 14.93 -25.83 19.63
N ILE A 160 14.25 -26.51 20.54
CA ILE A 160 13.29 -27.53 20.16
C ILE A 160 12.05 -26.94 19.48
N LEU A 161 11.38 -26.02 20.17
CA LEU A 161 10.18 -25.39 19.62
C LEU A 161 10.38 -23.89 19.39
N PRO A 162 9.74 -23.36 18.33
CA PRO A 162 9.76 -21.93 18.00
C PRO A 162 9.04 -21.11 19.06
N PRO A 163 9.45 -19.86 19.24
CA PRO A 163 8.79 -18.94 20.17
C PRO A 163 7.35 -18.69 19.74
N LEU A 164 6.45 -18.54 20.72
CA LEU A 164 5.09 -18.13 20.46
C LEU A 164 4.80 -16.92 21.34
N LEU A 165 4.44 -15.80 20.72
CA LEU A 165 4.24 -14.56 21.47
C LEU A 165 2.96 -14.56 22.27
N LYS A 166 2.99 -13.86 23.39
CA LYS A 166 1.82 -13.71 24.25
C LYS A 166 1.25 -12.31 24.12
N ASP A 167 -0.07 -12.20 24.08
CA ASP A 167 -0.75 -10.90 24.02
C ASP A 167 -0.18 -9.98 22.95
N SER A 168 0.08 -10.53 21.77
CA SER A 168 0.54 -9.72 20.64
C SER A 168 -0.46 -8.64 20.29
N VAL A 169 0.04 -7.45 20.00
CA VAL A 169 -0.80 -6.35 19.54
C VAL A 169 -1.52 -6.76 18.26
N ALA A 170 -0.95 -7.71 17.52
CA ALA A 170 -1.54 -8.22 16.30
C ALA A 170 -2.71 -9.19 16.54
N ALA A 171 -2.76 -9.77 17.74
CA ALA A 171 -3.75 -10.82 18.05
C ALA A 171 -5.20 -10.52 17.66
N PRO A 172 -5.74 -9.36 18.08
CA PRO A 172 -7.14 -9.03 17.81
C PRO A 172 -7.46 -8.91 16.31
N LEU A 173 -6.44 -8.71 15.50
CA LEU A 173 -6.64 -8.58 14.06
C LEU A 173 -6.56 -9.93 13.39
N LEU A 174 -6.23 -10.96 14.16
CA LEU A 174 -5.99 -12.28 13.60
C LEU A 174 -6.83 -13.39 14.25
N SER A 175 -7.98 -13.02 14.80
CA SER A 175 -8.79 -14.00 15.53
C SER A 175 -9.29 -15.15 14.65
N ALA A 176 -9.09 -15.05 13.34
CA ALA A 176 -9.57 -16.08 12.43
C ALA A 176 -8.54 -17.17 12.16
N TYR A 177 -7.30 -16.94 12.61
CA TYR A 177 -6.24 -17.90 12.41
C TYR A 177 -5.93 -18.67 13.69
N TYR A 178 -5.37 -19.87 13.55
CA TYR A 178 -4.82 -20.57 14.70
C TYR A 178 -3.61 -19.78 15.17
N PRO A 179 -3.67 -19.27 16.41
CA PRO A 179 -2.59 -18.44 16.96
C PRO A 179 -1.21 -19.01 16.73
N ASP A 180 -1.04 -20.32 16.88
CA ASP A 180 0.29 -20.92 16.73
C ASP A 180 0.72 -21.08 15.28
N CYS A 181 -0.16 -20.72 14.35
CA CYS A 181 0.18 -20.71 12.94
C CYS A 181 0.66 -19.34 12.51
N VAL A 182 0.47 -18.35 13.38
CA VAL A 182 0.96 -17.00 13.12
C VAL A 182 1.91 -16.52 14.20
N GLY A 183 2.52 -17.46 14.92
CA GLY A 183 3.55 -17.16 15.89
C GLY A 183 3.05 -16.70 17.26
N MET A 184 1.80 -17.00 17.57
CA MET A 184 1.22 -16.59 18.84
C MET A 184 0.81 -17.82 19.64
N SER A 185 0.63 -17.64 20.94
CA SER A 185 0.30 -18.76 21.82
C SER A 185 -1.20 -18.99 21.98
N PRO A 186 -1.65 -20.20 21.66
CA PRO A 186 -3.05 -20.66 21.80
C PRO A 186 -3.63 -20.45 23.20
N SER A 187 -2.79 -20.29 24.21
CA SER A 187 -3.29 -20.19 25.58
C SER A 187 -3.49 -18.77 26.09
N CYS A 188 -3.63 -17.81 25.17
CA CYS A 188 -3.81 -16.42 25.54
C CYS A 188 -5.28 -15.98 25.54
N THR A 189 -5.48 -14.66 25.53
CA THR A 189 -6.80 -14.05 25.54
C THR A 189 -7.74 -14.69 26.55
N GLY A 218 -9.98 0.61 18.57
CA GLY A 218 -10.48 1.68 17.73
C GLY A 218 -9.48 2.07 16.64
N MET A 219 -9.20 1.14 15.74
CA MET A 219 -8.26 1.38 14.65
C MET A 219 -8.99 1.95 13.43
N ASN A 220 -8.32 2.82 12.70
CA ASN A 220 -8.90 3.33 11.45
C ASN A 220 -9.43 2.17 10.61
N ARG A 221 -10.70 2.24 10.24
CA ARG A 221 -11.35 1.14 9.52
C ARG A 221 -10.65 0.81 8.20
N TYR A 222 -9.82 1.74 7.72
CA TYR A 222 -9.10 1.55 6.47
C TYR A 222 -7.80 0.76 6.63
N PHE A 223 -7.37 0.54 7.86
CA PHE A 223 -6.16 -0.25 8.11
C PHE A 223 -6.49 -1.73 8.21
N GLN A 224 -6.25 -2.47 7.13
CA GLN A 224 -6.49 -3.92 7.10
C GLN A 224 -5.26 -4.62 6.51
N PRO A 225 -4.14 -4.59 7.23
CA PRO A 225 -2.84 -5.06 6.76
C PRO A 225 -2.77 -6.57 6.53
N PHE A 226 -3.61 -7.34 7.21
CA PHE A 226 -3.56 -8.80 7.09
C PHE A 226 -4.72 -9.37 6.29
N TYR A 227 -4.41 -10.23 5.33
CA TYR A 227 -5.44 -10.98 4.62
C TYR A 227 -6.21 -11.82 5.63
N GLN A 228 -7.53 -11.84 5.49
CA GLN A 228 -8.37 -12.74 6.27
C GLN A 228 -8.57 -14.03 5.49
N PRO A 229 -8.74 -15.15 6.20
CA PRO A 229 -8.93 -16.44 5.52
C PRO A 229 -10.05 -16.38 4.49
N ASN A 230 -9.78 -16.90 3.30
CA ASN A 230 -10.79 -16.99 2.24
C ASN A 230 -11.20 -15.64 1.68
N GLU A 231 -10.26 -14.71 1.65
CA GLU A 231 -10.53 -13.38 1.12
C GLU A 231 -10.10 -13.25 -0.33
N CYS A 232 -10.86 -12.49 -1.09
CA CYS A 232 -10.43 -12.09 -2.43
C CYS A 232 -9.22 -11.17 -2.27
N GLY A 233 -8.40 -11.08 -3.30
CA GLY A 233 -7.23 -10.23 -3.23
C GLY A 233 -7.60 -8.79 -2.94
N LYS A 234 -6.75 -8.10 -2.17
CA LYS A 234 -6.83 -6.65 -2.08
C LYS A 234 -5.45 -6.05 -1.87
N ALA A 235 -5.28 -4.81 -2.29
CA ALA A 235 -3.96 -4.20 -2.38
C ALA A 235 -3.28 -4.03 -1.02
N LEU A 236 -1.96 -4.23 -1.01
CA LEU A 236 -1.12 -3.97 0.16
C LEU A 236 -1.52 -4.80 1.38
N CYS A 237 -1.88 -6.06 1.14
CA CYS A 237 -2.17 -7.01 2.21
C CYS A 237 -1.05 -8.03 2.29
N VAL A 238 -0.77 -8.51 3.49
CA VAL A 238 0.18 -9.60 3.67
C VAL A 238 -0.47 -10.79 4.35
N ARG A 239 -0.02 -11.99 4.03
CA ARG A 239 -0.45 -13.16 4.75
C ARG A 239 0.26 -13.25 6.08
N PRO A 240 -0.51 -13.39 7.17
CA PRO A 240 0.04 -13.48 8.53
C PRO A 240 0.84 -14.77 8.73
N ASP A 241 0.53 -15.79 7.92
CA ASP A 241 1.08 -17.12 8.12
C ASP A 241 2.10 -17.52 7.05
N VAL A 242 2.39 -16.61 6.12
CA VAL A 242 3.34 -16.91 5.05
C VAL A 242 4.28 -15.74 4.78
N MET A 243 5.55 -16.01 4.56
CA MET A 243 6.50 -14.96 4.23
C MET A 243 6.38 -14.56 2.76
N GLU A 244 6.48 -13.26 2.49
CA GLU A 244 6.43 -12.75 1.11
C GLU A 244 7.76 -13.05 0.44
N LEU A 245 7.78 -12.96 -0.88
CA LEU A 245 8.97 -13.30 -1.65
C LEU A 245 10.20 -12.49 -1.24
N ASP A 246 10.03 -11.17 -1.10
CA ASP A 246 11.14 -10.30 -0.71
C ASP A 246 11.61 -10.62 0.70
N GLU A 247 10.70 -11.12 1.54
CA GLU A 247 11.04 -11.48 2.91
C GLU A 247 11.93 -12.73 2.95
N LEU A 248 11.57 -13.75 2.17
CA LEU A 248 12.40 -14.95 2.07
C LEU A 248 13.76 -14.59 1.51
N TYR A 249 13.78 -13.60 0.61
CA TYR A 249 15.01 -13.17 -0.02
C TYR A 249 15.97 -12.57 1.00
N GLU A 250 15.41 -11.74 1.89
CA GLU A 250 16.21 -11.04 2.89
C GLU A 250 16.54 -11.93 4.08
N PHE A 251 15.63 -12.84 4.41
CA PHE A 251 15.79 -13.70 5.58
C PHE A 251 15.59 -15.18 5.23
N PRO A 252 16.52 -15.74 4.45
CA PRO A 252 16.48 -17.14 4.00
C PRO A 252 16.47 -18.12 5.17
N GLU A 253 17.10 -17.72 6.27
CA GLU A 253 17.22 -18.59 7.44
C GLU A 253 15.86 -18.95 8.04
N TYR A 254 14.79 -18.38 7.52
CA TYR A 254 13.45 -18.65 8.05
C TYR A 254 12.58 -19.48 7.11
N SER A 255 13.14 -19.89 5.98
CA SER A 255 12.36 -20.67 5.01
C SER A 255 11.89 -22.01 5.59
N ARG A 256 12.73 -22.61 6.43
CA ARG A 256 12.41 -23.87 7.10
C ARG A 256 11.32 -23.66 8.15
N ASP A 257 11.51 -22.65 9.00
CA ASP A 257 10.53 -22.33 10.03
C ASP A 257 10.38 -20.82 10.20
N PRO A 258 9.31 -20.25 9.62
CA PRO A 258 9.07 -18.80 9.61
C PRO A 258 8.34 -18.30 10.86
N THR A 259 8.08 -19.20 11.81
CA THR A 259 7.30 -18.86 12.99
C THR A 259 7.77 -17.57 13.67
N MET A 260 9.04 -17.52 14.06
CA MET A 260 9.55 -16.37 14.80
C MET A 260 9.45 -15.08 13.99
N TYR A 261 9.78 -15.16 12.70
CA TYR A 261 9.71 -13.98 11.84
C TYR A 261 8.30 -13.43 11.74
N LEU A 262 7.34 -14.30 11.42
CA LEU A 262 5.95 -13.90 11.25
C LEU A 262 5.41 -13.21 12.50
N ALA A 263 5.73 -13.76 13.67
CA ALA A 263 5.26 -13.17 14.92
C ALA A 263 5.78 -11.75 15.07
N LEU A 264 7.06 -11.56 14.74
CA LEU A 264 7.70 -10.26 14.90
C LEU A 264 7.25 -9.27 13.82
N ARG A 265 7.15 -9.76 12.59
CA ARG A 265 6.64 -8.92 11.50
C ARG A 265 5.20 -8.52 11.78
N ASN A 266 4.35 -9.48 12.15
CA ASN A 266 2.96 -9.15 12.44
C ASN A 266 2.83 -8.15 13.59
N LEU A 267 3.63 -8.34 14.63
CA LEU A 267 3.63 -7.42 15.76
C LEU A 267 4.02 -6.02 15.31
N ILE A 268 5.07 -5.94 14.51
CA ILE A 268 5.56 -4.66 14.01
C ILE A 268 4.51 -3.89 13.21
N LEU A 269 3.85 -4.56 12.28
CA LEU A 269 2.76 -3.95 11.51
C LEU A 269 1.61 -3.51 12.39
N ALA A 270 1.22 -4.35 13.35
CA ALA A 270 0.14 -4.01 14.26
C ALA A 270 0.48 -2.74 15.04
N LEU A 271 1.72 -2.66 15.51
CA LEU A 271 2.17 -1.51 16.27
C LEU A 271 2.19 -0.23 15.43
N TRP A 272 2.66 -0.36 14.18
CA TRP A 272 2.68 0.78 13.27
C TRP A 272 1.27 1.32 13.04
N TYR A 273 0.34 0.42 12.75
CA TYR A 273 -1.01 0.84 12.43
C TYR A 273 -1.80 1.29 13.66
N THR A 274 -1.34 0.83 14.83
CA THR A 274 -1.91 1.26 16.09
C THR A 274 -1.55 2.72 16.36
N ASN A 275 -0.35 3.11 15.98
CA ASN A 275 0.06 4.50 16.08
C ASN A 275 0.99 4.92 14.95
N CYS A 276 0.41 5.44 13.89
CA CYS A 276 1.16 5.76 12.68
C CYS A 276 1.73 7.18 12.71
N LYS A 277 1.58 7.87 13.83
CA LYS A 277 2.05 9.26 13.93
C LYS A 277 3.46 9.39 14.52
N GLU A 278 4.04 8.27 14.94
CA GLU A 278 5.39 8.27 15.49
C GLU A 278 6.24 7.23 14.79
N ALA A 279 7.55 7.46 14.71
CA ALA A 279 8.45 6.44 14.23
C ALA A 279 8.39 5.24 15.16
N LEU A 280 8.22 4.06 14.59
CA LEU A 280 8.26 2.83 15.39
C LEU A 280 9.70 2.37 15.53
N THR A 281 10.18 2.32 16.78
CA THR A 281 11.56 1.95 17.07
C THR A 281 11.65 0.61 17.81
N PRO A 282 12.85 0.06 17.91
CA PRO A 282 13.02 -1.23 18.60
C PRO A 282 12.63 -1.09 20.07
N GLN A 283 13.04 0.00 20.67
CA GLN A 283 12.64 0.37 22.00
C GLN A 283 11.15 0.29 22.24
N LYS A 284 10.34 0.67 21.26
CA LYS A 284 8.91 0.64 21.43
C LYS A 284 8.39 -0.75 21.22
N CYS A 285 9.09 -1.52 20.41
CA CYS A 285 8.59 -2.86 20.15
C CYS A 285 8.90 -3.83 21.28
N ILE A 286 10.11 -3.74 21.81
CA ILE A 286 10.62 -4.72 22.76
C ILE A 286 9.66 -5.02 23.92
N PRO A 287 9.10 -3.99 24.55
CA PRO A 287 8.19 -4.24 25.68
C PRO A 287 6.98 -5.07 25.27
N HIS A 288 6.64 -5.07 23.98
CA HIS A 288 5.48 -5.80 23.49
C HIS A 288 5.83 -7.20 23.01
N ILE A 289 7.09 -7.58 23.16
CA ILE A 289 7.51 -8.95 22.89
C ILE A 289 7.50 -9.74 24.18
N ILE A 290 6.45 -10.52 24.40
CA ILE A 290 6.30 -11.29 25.62
C ILE A 290 6.32 -12.80 25.32
N VAL A 291 7.39 -13.44 25.72
CA VAL A 291 7.53 -14.89 25.58
C VAL A 291 8.54 -15.37 26.63
N ARG A 292 8.31 -16.57 27.17
CA ARG A 292 9.18 -17.12 28.21
C ARG A 292 10.49 -17.64 27.65
N GLY A 293 11.51 -17.68 28.48
CA GLY A 293 12.76 -18.33 28.11
C GLY A 293 13.80 -17.43 27.49
N LEU A 294 14.99 -17.98 27.34
CA LEU A 294 16.11 -17.26 26.73
C LEU A 294 15.77 -16.87 25.30
N VAL A 295 14.82 -17.58 24.70
CA VAL A 295 14.45 -17.29 23.33
C VAL A 295 13.98 -15.85 23.18
N ARG A 296 13.43 -15.29 24.24
CA ARG A 296 12.98 -13.89 24.20
C ARG A 296 14.13 -12.96 23.84
N ILE A 297 15.33 -13.33 24.28
CA ILE A 297 16.54 -12.59 23.94
C ILE A 297 16.79 -12.66 22.44
N ARG A 298 16.64 -13.84 21.85
CA ARG A 298 16.83 -14.00 20.41
C ARG A 298 15.75 -13.22 19.65
N CYS A 299 14.51 -13.25 20.13
CA CYS A 299 13.43 -12.45 19.54
C CYS A 299 13.76 -10.95 19.55
N VAL A 300 14.23 -10.45 20.70
CA VAL A 300 14.59 -9.03 20.83
C VAL A 300 15.73 -8.65 19.90
N GLN A 301 16.65 -9.59 19.69
CA GLN A 301 17.79 -9.34 18.81
C GLN A 301 17.39 -9.30 17.33
N GLU A 302 16.31 -10.00 16.99
CA GLU A 302 15.83 -10.08 15.60
C GLU A 302 14.93 -8.90 15.23
N VAL A 303 14.21 -8.35 16.20
CA VAL A 303 13.21 -7.31 15.93
C VAL A 303 13.81 -6.11 15.21
N GLU A 304 15.06 -5.79 15.52
CA GLU A 304 15.73 -4.64 14.93
C GLU A 304 16.01 -4.86 13.44
N ARG A 305 16.45 -6.07 13.10
CA ARG A 305 16.70 -6.43 11.70
C ARG A 305 15.42 -6.30 10.88
N ILE A 306 14.34 -6.88 11.40
CA ILE A 306 13.06 -6.89 10.71
C ILE A 306 12.45 -5.49 10.62
N LEU A 307 12.66 -4.68 11.66
CA LEU A 307 12.16 -3.32 11.69
C LEU A 307 12.76 -2.50 10.55
N TYR A 308 14.07 -2.59 10.39
CA TYR A 308 14.78 -1.83 9.36
C TYR A 308 14.43 -2.28 7.95
N PHE A 309 14.18 -3.58 7.78
CA PHE A 309 13.74 -4.11 6.51
C PHE A 309 12.35 -3.57 6.18
N MET A 310 11.45 -3.62 7.16
CA MET A 310 10.10 -3.10 6.99
C MET A 310 10.12 -1.61 6.64
N THR A 311 11.00 -0.87 7.31
CA THR A 311 11.13 0.56 7.07
C THR A 311 11.64 0.85 5.66
N ARG A 312 12.73 0.17 5.28
CA ARG A 312 13.32 0.39 3.97
C ARG A 312 12.31 0.13 2.86
N LYS A 313 11.53 -0.94 3.01
CA LYS A 313 10.55 -1.35 2.01
C LYS A 313 9.32 -0.45 1.96
N GLY A 314 9.12 0.34 3.02
CA GLY A 314 8.03 1.31 3.05
C GLY A 314 6.72 0.79 3.63
N LEU A 315 6.81 -0.26 4.44
CA LEU A 315 5.63 -0.84 5.10
C LEU A 315 5.25 -0.10 6.38
N ILE A 316 6.25 0.47 7.05
CA ILE A 316 6.02 1.19 8.29
C ILE A 316 6.91 2.43 8.28
N ASN A 317 6.73 3.31 9.26
CA ASN A 317 7.55 4.50 9.38
C ASN A 317 7.61 5.27 8.07
N THR A 318 6.43 5.55 7.52
CA THR A 318 6.32 6.10 6.18
C THR A 318 5.17 7.09 6.13
N GLY A 319 4.69 7.42 4.92
CA GLY A 319 3.66 8.43 4.78
C GLY A 319 4.27 9.80 5.05
N VAL A 320 3.51 10.67 5.72
CA VAL A 320 3.99 12.03 5.99
C VAL A 320 4.76 12.14 7.30
N LEU A 321 5.04 11.00 7.93
CA LEU A 321 5.90 10.98 9.11
C LEU A 321 7.19 11.70 8.77
N SER A 322 7.60 12.62 9.63
CA SER A 322 8.83 13.36 9.42
C SER A 322 9.83 13.04 10.53
N VAL A 323 11.09 12.91 10.15
CA VAL A 323 12.14 12.54 11.07
C VAL A 323 13.37 13.36 10.75
N GLY A 324 14.01 13.90 11.79
CA GLY A 324 15.12 14.83 11.59
C GLY A 324 16.47 14.32 12.05
N ALA A 325 17.47 15.18 11.94
CA ALA A 325 18.84 14.84 12.34
C ALA A 325 18.84 14.12 13.69
N ASP A 326 19.51 12.98 13.74
CA ASP A 326 19.55 12.14 14.93
C ASP A 326 18.21 11.48 15.21
N GLN A 327 17.41 11.31 14.15
CA GLN A 327 16.17 10.55 14.22
C GLN A 327 16.03 9.66 12.99
N TYR A 328 17.08 9.60 12.18
CA TYR A 328 17.04 8.86 10.92
C TYR A 328 16.59 7.41 11.11
N LEU A 329 15.77 6.93 10.18
CA LEU A 329 15.05 5.67 10.32
C LEU A 329 15.87 4.44 9.95
N LEU A 330 17.03 4.66 9.34
CA LEU A 330 17.92 3.54 9.00
C LEU A 330 19.34 3.79 9.53
N PRO A 331 20.01 2.71 9.97
CA PRO A 331 21.36 2.78 10.55
C PRO A 331 22.31 3.61 9.69
N LYS A 332 23.36 4.15 10.31
CA LYS A 332 24.36 4.96 9.62
C LYS A 332 24.95 4.25 8.40
N ASP A 333 24.72 2.95 8.31
CA ASP A 333 25.31 2.13 7.26
C ASP A 333 24.73 2.47 5.89
N TYR A 334 23.50 3.00 5.87
CA TYR A 334 22.84 3.36 4.61
C TYR A 334 23.09 4.80 4.19
N HIS A 335 23.66 5.61 5.09
CA HIS A 335 23.66 7.05 4.92
C HIS A 335 24.61 7.60 3.83
N ASN A 336 25.80 7.02 3.73
CA ASN A 336 26.77 7.43 2.74
C ASN A 336 26.33 7.12 1.31
N LYS A 337 25.78 8.12 0.63
CA LYS A 337 25.29 7.99 -0.73
C LYS A 337 24.60 9.30 -1.04
N SER A 338 24.29 9.54 -2.32
CA SER A 338 23.54 10.75 -2.69
C SER A 338 22.69 10.56 -3.90
N VAL A 339 21.64 11.37 -3.95
CA VAL A 339 20.65 11.16 -4.94
C VAL A 339 20.07 12.48 -5.48
N ILE A 340 19.85 12.53 -6.77
CA ILE A 340 19.09 13.62 -7.40
C ILE A 340 17.74 13.09 -7.85
N ILE A 341 16.71 13.76 -7.35
CA ILE A 341 15.38 13.38 -7.78
C ILE A 341 14.83 14.44 -8.72
N ILE A 342 14.36 13.98 -9.89
CA ILE A 342 13.86 14.87 -10.91
C ILE A 342 12.35 14.81 -10.92
N GLY A 343 11.73 15.94 -10.59
CA GLY A 343 10.28 16.03 -10.50
C GLY A 343 9.81 16.04 -9.06
N ALA A 344 8.95 16.98 -8.71
CA ALA A 344 8.41 17.10 -7.36
C ALA A 344 6.88 16.92 -7.34
N GLY A 345 6.40 15.90 -8.04
CA GLY A 345 5.03 15.46 -7.91
C GLY A 345 5.00 14.39 -6.84
N PRO A 346 3.88 13.66 -6.73
CA PRO A 346 3.71 12.62 -5.71
C PRO A 346 4.84 11.59 -5.72
N ALA A 347 5.31 11.19 -6.90
CA ALA A 347 6.37 10.18 -6.99
C ALA A 347 7.72 10.68 -6.49
N GLY A 348 8.13 11.85 -6.98
CA GLY A 348 9.40 12.43 -6.59
C GLY A 348 9.45 12.74 -5.11
N LEU A 349 8.35 13.30 -4.61
CA LEU A 349 8.24 13.68 -3.21
C LEU A 349 8.15 12.47 -2.29
N ALA A 350 7.52 11.39 -2.76
CA ALA A 350 7.49 10.15 -1.98
C ALA A 350 8.90 9.62 -1.78
N ALA A 351 9.66 9.51 -2.87
CA ALA A 351 11.01 8.98 -2.80
C ALA A 351 11.91 9.89 -1.98
N ALA A 352 11.75 11.20 -2.16
CA ALA A 352 12.55 12.16 -1.41
C ALA A 352 12.27 12.09 0.08
N ARG A 353 11.00 12.00 0.43
CA ARG A 353 10.60 11.89 1.83
C ARG A 353 11.20 10.63 2.43
N GLN A 354 11.03 9.52 1.74
CA GLN A 354 11.57 8.24 2.20
C GLN A 354 13.09 8.31 2.39
N LEU A 355 13.79 8.68 1.33
CA LEU A 355 15.26 8.73 1.38
C LEU A 355 15.76 9.67 2.47
N HIS A 356 15.13 10.83 2.58
CA HIS A 356 15.52 11.81 3.59
C HIS A 356 15.38 11.22 4.98
N ASN A 357 14.20 10.68 5.27
CA ASN A 357 13.95 10.03 6.56
C ASN A 357 14.96 8.90 6.83
N PHE A 358 15.47 8.30 5.77
CA PHE A 358 16.42 7.21 5.89
C PHE A 358 17.80 7.71 6.33
N GLY A 359 18.06 8.99 6.08
CA GLY A 359 19.34 9.58 6.38
C GLY A 359 20.19 9.75 5.13
N ILE A 360 19.56 9.57 3.98
CA ILE A 360 20.26 9.69 2.70
C ILE A 360 20.19 11.10 2.13
N LYS A 361 21.30 11.55 1.54
CA LYS A 361 21.40 12.91 1.02
C LYS A 361 20.62 13.05 -0.29
N VAL A 362 19.63 13.93 -0.30
CA VAL A 362 18.73 14.05 -1.44
C VAL A 362 18.50 15.49 -1.90
N THR A 363 18.56 15.70 -3.21
CA THR A 363 18.19 16.98 -3.80
C THR A 363 17.12 16.77 -4.87
N VAL A 364 16.06 17.57 -4.81
CA VAL A 364 14.97 17.45 -5.77
C VAL A 364 15.00 18.61 -6.77
N LEU A 365 15.02 18.29 -8.05
CA LEU A 365 14.96 19.31 -9.08
C LEU A 365 13.59 19.33 -9.77
N GLU A 366 12.89 20.45 -9.65
CA GLU A 366 11.56 20.60 -10.24
C GLU A 366 11.56 21.67 -11.33
N ALA A 367 10.93 21.35 -12.46
CA ALA A 367 10.93 22.24 -13.61
C ALA A 367 10.10 23.51 -13.37
N LYS A 368 8.96 23.36 -12.71
CA LYS A 368 7.99 24.44 -12.57
C LYS A 368 8.29 25.36 -11.39
N ASP A 369 7.49 26.40 -11.23
CA ASP A 369 7.64 27.31 -10.09
C ASP A 369 6.86 26.85 -8.87
N ARG A 370 6.46 25.58 -8.88
CA ARG A 370 5.67 25.02 -7.79
C ARG A 370 5.85 23.50 -7.74
N ILE A 371 5.69 22.93 -6.56
CA ILE A 371 5.71 21.48 -6.42
C ILE A 371 4.30 20.95 -6.62
N GLY A 372 4.16 19.64 -6.73
CA GLY A 372 2.84 19.03 -6.80
C GLY A 372 2.56 18.28 -8.08
N GLY A 373 3.06 18.79 -9.19
CA GLY A 373 2.81 18.19 -10.49
C GLY A 373 1.33 18.19 -10.83
N ARG A 374 0.77 17.00 -11.04
CA ARG A 374 -0.64 16.89 -11.39
C ARG A 374 -1.56 17.03 -10.17
N VAL A 375 -0.94 17.26 -9.02
CA VAL A 375 -1.68 17.74 -7.85
C VAL A 375 -1.55 19.26 -7.83
N TRP A 376 -2.68 19.95 -7.97
CA TRP A 376 -2.68 21.41 -7.97
C TRP A 376 -4.06 21.89 -7.55
N ASP A 377 -4.17 22.42 -6.33
CA ASP A 377 -5.45 22.78 -5.75
C ASP A 377 -5.74 24.28 -5.78
N ASP A 378 -6.99 24.62 -6.06
CA ASP A 378 -7.43 26.00 -6.03
C ASP A 378 -8.13 26.23 -4.70
N LYS A 379 -7.55 27.09 -3.87
CA LYS A 379 -8.09 27.35 -2.53
C LYS A 379 -8.83 28.67 -2.48
N SER A 380 -9.08 29.26 -3.64
CA SER A 380 -9.69 30.58 -3.71
C SER A 380 -11.22 30.54 -3.69
N PHE A 381 -11.78 29.36 -3.90
CA PHE A 381 -13.24 29.20 -3.86
C PHE A 381 -13.75 29.32 -2.43
N LYS A 382 -14.93 29.90 -2.29
CA LYS A 382 -15.53 30.18 -0.98
C LYS A 382 -15.80 28.91 -0.17
N GLY A 383 -15.01 28.71 0.88
CA GLY A 383 -15.25 27.64 1.85
C GLY A 383 -14.97 26.23 1.36
N VAL A 384 -14.29 26.11 0.23
CA VAL A 384 -14.08 24.82 -0.39
C VAL A 384 -12.73 24.77 -1.12
N THR A 385 -12.12 23.60 -1.18
CA THR A 385 -10.89 23.40 -1.95
C THR A 385 -11.21 22.59 -3.19
N VAL A 386 -10.83 23.11 -4.36
CA VAL A 386 -11.13 22.44 -5.62
C VAL A 386 -9.83 22.08 -6.36
N GLY A 387 -9.63 20.79 -6.59
CA GLY A 387 -8.48 20.34 -7.34
C GLY A 387 -8.59 20.65 -8.82
N ARG A 388 -7.53 21.24 -9.38
CA ARG A 388 -7.45 21.41 -10.82
C ARG A 388 -6.97 20.08 -11.39
N GLY A 389 -6.28 19.33 -10.54
CA GLY A 389 -5.81 18.00 -10.89
C GLY A 389 -6.52 16.94 -10.07
N ALA A 390 -5.74 16.04 -9.48
CA ALA A 390 -6.30 14.94 -8.71
C ALA A 390 -7.01 15.43 -7.46
N GLN A 391 -8.09 14.74 -7.08
CA GLN A 391 -8.76 15.02 -5.81
C GLN A 391 -9.53 13.82 -5.28
N ILE A 392 -9.62 12.75 -6.06
CA ILE A 392 -10.37 11.56 -5.63
C ILE A 392 -9.42 10.46 -5.17
N VAL A 393 -9.83 9.69 -4.16
CA VAL A 393 -9.05 8.55 -3.68
C VAL A 393 -9.80 7.28 -4.02
N ASN A 394 -9.23 6.47 -4.91
CA ASN A 394 -9.91 5.28 -5.43
C ASN A 394 -9.57 4.05 -4.63
N GLY A 395 -10.37 3.75 -3.61
CA GLY A 395 -10.15 2.57 -2.77
C GLY A 395 -9.26 2.88 -1.58
N CYS A 396 -9.89 3.20 -0.46
CA CYS A 396 -9.17 3.70 0.72
C CYS A 396 -8.51 2.63 1.58
N ILE A 397 -9.04 1.41 1.52
CA ILE A 397 -8.51 0.32 2.34
C ILE A 397 -7.04 0.05 2.04
N ASN A 398 -6.21 0.19 3.07
CA ASN A 398 -4.76 0.01 2.94
C ASN A 398 -4.09 1.02 2.01
N ASN A 399 -4.84 2.02 1.58
CA ASN A 399 -4.29 3.06 0.72
C ASN A 399 -3.36 3.96 1.49
N PRO A 400 -2.14 4.18 0.99
CA PRO A 400 -1.19 5.14 1.56
C PRO A 400 -1.85 6.49 1.83
N VAL A 401 -2.77 6.91 0.96
CA VAL A 401 -3.44 8.19 1.13
C VAL A 401 -4.31 8.21 2.39
N ALA A 402 -4.98 7.08 2.65
CA ALA A 402 -5.79 6.95 3.86
C ALA A 402 -4.91 7.01 5.10
N LEU A 403 -3.74 6.36 5.03
CA LEU A 403 -2.79 6.42 6.12
C LEU A 403 -2.38 7.87 6.38
N MET A 404 -2.05 8.57 5.31
CA MET A 404 -1.56 9.94 5.44
C MET A 404 -2.64 10.90 5.96
N CYS A 405 -3.90 10.62 5.62
CA CYS A 405 -5.00 11.41 6.18
C CYS A 405 -5.11 11.18 7.68
N GLU A 406 -4.93 9.94 8.10
CA GLU A 406 -4.89 9.59 9.52
C GLU A 406 -3.81 10.37 10.23
N GLN A 407 -2.61 10.36 9.68
CA GLN A 407 -1.46 11.05 10.26
C GLN A 407 -1.71 12.54 10.38
N LEU A 408 -2.51 13.08 9.46
CA LEU A 408 -2.76 14.52 9.40
C LEU A 408 -4.04 14.92 10.13
N GLY A 409 -4.84 13.94 10.52
CA GLY A 409 -6.11 14.22 11.16
C GLY A 409 -7.10 14.81 10.18
N ILE A 410 -7.07 14.29 8.96
CA ILE A 410 -7.93 14.72 7.87
C ILE A 410 -9.05 13.73 7.64
N SER A 411 -10.24 14.25 7.38
CA SER A 411 -11.40 13.41 7.09
C SER A 411 -11.70 13.46 5.61
N MET A 412 -12.03 12.30 5.03
CA MET A 412 -12.41 12.25 3.63
C MET A 412 -13.92 12.06 3.51
N HIS A 413 -14.48 12.43 2.37
CA HIS A 413 -15.90 12.20 2.15
C HIS A 413 -16.12 10.99 1.24
N LYS A 414 -16.84 9.99 1.76
CA LYS A 414 -17.15 8.80 0.98
C LYS A 414 -18.30 9.07 0.01
N PHE A 415 -18.07 8.81 -1.27
CA PHE A 415 -19.12 9.01 -2.27
C PHE A 415 -20.29 8.05 -2.06
N GLY A 416 -21.50 8.55 -2.24
CA GLY A 416 -22.67 7.71 -2.30
C GLY A 416 -22.71 7.06 -3.67
N GLU A 417 -23.66 6.14 -3.87
CA GLU A 417 -23.72 5.38 -5.11
C GLU A 417 -24.53 6.08 -6.20
N ARG A 418 -25.54 6.84 -5.80
CA ARG A 418 -26.48 7.37 -6.75
C ARG A 418 -25.88 8.33 -7.73
N CYS A 419 -26.17 8.10 -8.99
CA CYS A 419 -25.78 9.03 -10.05
C CYS A 419 -26.80 8.96 -11.17
N ASP A 420 -27.85 9.75 -11.06
CA ASP A 420 -28.92 9.79 -12.07
C ASP A 420 -28.36 10.21 -13.43
N LEU A 421 -28.90 9.62 -14.48
CA LEU A 421 -28.54 9.99 -15.84
C LEU A 421 -29.55 11.00 -16.42
N ILE A 422 -29.21 12.26 -16.36
CA ILE A 422 -30.13 13.32 -16.75
C ILE A 422 -29.96 13.72 -18.22
N GLN A 423 -31.08 13.78 -18.93
CA GLN A 423 -31.08 14.11 -20.35
C GLN A 423 -31.18 15.60 -20.57
N GLU A 424 -30.62 16.08 -21.68
CA GLU A 424 -31.02 17.37 -22.22
C GLU A 424 -32.39 17.15 -22.84
N GLY A 425 -33.40 17.87 -22.35
CA GLY A 425 -33.23 18.84 -21.30
C GLY A 425 -34.23 18.64 -20.18
N GLY A 426 -33.75 18.10 -19.06
CA GLY A 426 -34.57 17.99 -17.86
C GLY A 426 -34.85 16.57 -17.39
N ARG A 427 -35.15 15.68 -18.32
CA ARG A 427 -35.66 14.35 -17.97
C ARG A 427 -34.63 13.43 -17.31
N ILE A 428 -34.97 12.93 -16.14
CA ILE A 428 -34.17 11.91 -15.49
C ILE A 428 -34.49 10.57 -16.14
N THR A 429 -33.45 9.81 -16.49
CA THR A 429 -33.64 8.59 -17.24
C THR A 429 -34.40 7.52 -16.47
N ASP A 430 -35.42 6.95 -17.12
CA ASP A 430 -36.21 5.86 -16.58
C ASP A 430 -35.32 4.78 -16.00
N PRO A 431 -35.59 4.36 -14.75
CA PRO A 431 -34.83 3.32 -14.05
C PRO A 431 -34.70 2.02 -14.84
N THR A 432 -35.71 1.67 -15.63
CA THR A 432 -35.67 0.42 -16.38
C THR A 432 -34.79 0.55 -17.62
N ILE A 433 -34.86 1.71 -18.26
CA ILE A 433 -33.98 2.02 -19.38
C ILE A 433 -32.55 2.05 -18.90
N ASP A 434 -32.36 2.64 -17.72
CA ASP A 434 -31.06 2.74 -17.09
C ASP A 434 -30.46 1.35 -16.87
N LYS A 435 -31.24 0.46 -16.26
CA LYS A 435 -30.78 -0.89 -15.96
C LYS A 435 -30.56 -1.71 -17.22
N ARG A 436 -31.42 -1.51 -18.22
CA ARG A 436 -31.35 -2.26 -19.46
C ARG A 436 -30.05 -2.00 -20.22
N MET A 437 -29.64 -0.73 -20.26
CA MET A 437 -28.47 -0.34 -21.02
C MET A 437 -27.17 -0.56 -20.26
N ASP A 438 -27.23 -0.46 -18.93
CA ASP A 438 -26.08 -0.83 -18.10
C ASP A 438 -25.73 -2.28 -18.35
N PHE A 439 -26.76 -3.12 -18.33
CA PHE A 439 -26.60 -4.55 -18.56
C PHE A 439 -25.97 -4.81 -19.93
N HIS A 440 -26.51 -4.19 -20.97
CA HIS A 440 -25.97 -4.36 -22.31
C HIS A 440 -24.54 -3.84 -22.43
N PHE A 441 -24.29 -2.66 -21.88
CA PHE A 441 -22.94 -2.10 -21.93
C PHE A 441 -21.93 -3.08 -21.35
N ASN A 442 -22.20 -3.55 -20.14
CA ASN A 442 -21.28 -4.49 -19.50
C ASN A 442 -21.22 -5.85 -20.18
N ALA A 443 -22.30 -6.24 -20.84
CA ALA A 443 -22.32 -7.48 -21.63
C ALA A 443 -21.35 -7.35 -22.80
N LEU A 444 -21.25 -6.15 -23.35
CA LEU A 444 -20.31 -5.88 -24.43
C LEU A 444 -18.88 -6.07 -23.93
N LEU A 445 -18.60 -5.60 -22.72
CA LEU A 445 -17.29 -5.78 -22.12
C LEU A 445 -16.96 -7.25 -21.86
N ASP A 446 -17.97 -8.02 -21.49
CA ASP A 446 -17.74 -9.45 -21.27
C ASP A 446 -17.23 -10.11 -22.55
N VAL A 447 -17.90 -9.88 -23.66
CA VAL A 447 -17.50 -10.53 -24.91
C VAL A 447 -16.15 -10.03 -25.43
N VAL A 448 -15.83 -8.77 -25.18
CA VAL A 448 -14.48 -8.28 -25.46
C VAL A 448 -13.46 -9.10 -24.69
N SER A 449 -13.68 -9.23 -23.38
CA SER A 449 -12.76 -9.99 -22.54
C SER A 449 -12.68 -11.43 -23.01
N GLU A 450 -13.72 -11.89 -23.71
CA GLU A 450 -13.73 -13.25 -24.24
C GLU A 450 -12.96 -13.33 -25.56
N TRP A 451 -13.12 -12.28 -26.38
CA TRP A 451 -12.44 -12.21 -27.68
C TRP A 451 -10.93 -12.14 -27.54
N ARG A 452 -10.45 -11.43 -26.52
CA ARG A 452 -9.03 -11.15 -26.36
C ARG A 452 -8.21 -12.35 -25.86
N LYS A 453 -8.89 -13.33 -25.30
CA LYS A 453 -8.21 -14.45 -24.64
C LYS A 453 -7.13 -15.11 -25.51
N ASP A 454 -7.37 -15.21 -26.81
CA ASP A 454 -6.41 -15.89 -27.67
C ASP A 454 -5.68 -14.94 -28.62
N LYS A 455 -5.75 -13.64 -28.35
CA LYS A 455 -5.08 -12.67 -29.22
C LYS A 455 -3.76 -12.19 -28.62
N THR A 456 -2.76 -11.98 -29.46
CA THR A 456 -1.47 -11.45 -29.02
C THR A 456 -1.41 -9.96 -29.29
N GLN A 457 -0.37 -9.30 -28.77
CA GLN A 457 -0.21 -7.86 -29.00
C GLN A 457 -0.25 -7.54 -30.49
N LEU A 458 0.25 -8.45 -31.31
CA LEU A 458 0.32 -8.25 -32.75
C LEU A 458 -1.06 -8.30 -33.41
N GLN A 459 -2.07 -8.73 -32.65
CA GLN A 459 -3.43 -8.80 -33.17
C GLN A 459 -4.38 -7.87 -32.42
N ASP A 460 -3.83 -6.92 -31.67
CA ASP A 460 -4.64 -6.02 -30.86
C ASP A 460 -5.49 -5.08 -31.70
N VAL A 461 -6.73 -4.85 -31.26
CA VAL A 461 -7.59 -3.87 -31.91
C VAL A 461 -8.13 -2.91 -30.85
N PRO A 462 -8.47 -1.68 -31.26
CA PRO A 462 -8.93 -0.69 -30.29
C PRO A 462 -10.21 -1.11 -29.57
N LEU A 463 -10.28 -0.85 -28.27
CA LEU A 463 -11.44 -1.21 -27.46
C LEU A 463 -12.72 -0.66 -28.06
N GLY A 464 -12.67 0.60 -28.48
CA GLY A 464 -13.84 1.26 -29.02
C GLY A 464 -14.36 0.57 -30.26
N GLU A 465 -13.45 0.24 -31.17
CA GLU A 465 -13.81 -0.44 -32.40
C GLU A 465 -14.41 -1.80 -32.10
N LYS A 466 -13.80 -2.51 -31.16
CA LYS A 466 -14.26 -3.85 -30.81
C LYS A 466 -15.68 -3.80 -30.24
N ILE A 467 -15.91 -2.90 -29.29
CA ILE A 467 -17.24 -2.70 -28.72
C ILE A 467 -18.28 -2.40 -29.80
N GLU A 468 -17.94 -1.47 -30.69
CA GLU A 468 -18.81 -1.10 -31.81
C GLU A 468 -19.23 -2.30 -32.63
N GLU A 469 -18.25 -3.02 -33.16
CA GLU A 469 -18.50 -4.21 -33.95
C GLU A 469 -19.40 -5.20 -33.23
N ILE A 470 -19.06 -5.52 -31.99
CA ILE A 470 -19.83 -6.47 -31.20
C ILE A 470 -21.27 -6.00 -31.04
N TYR A 471 -21.43 -4.70 -30.93
CA TYR A 471 -22.75 -4.07 -30.78
C TYR A 471 -23.60 -4.21 -32.04
N LYS A 472 -23.02 -3.83 -33.17
CA LYS A 472 -23.69 -3.95 -34.47
C LYS A 472 -24.03 -5.40 -34.78
N ALA A 473 -23.08 -6.29 -34.50
CA ALA A 473 -23.26 -7.71 -34.80
C ALA A 473 -24.29 -8.35 -33.89
N PHE A 474 -24.62 -7.66 -32.80
CA PHE A 474 -25.62 -8.15 -31.87
C PHE A 474 -27.03 -7.73 -32.30
N ILE A 475 -27.15 -6.49 -32.76
CA ILE A 475 -28.41 -5.99 -33.28
C ILE A 475 -28.79 -6.73 -34.56
N LYS A 476 -27.77 -7.09 -35.34
CA LYS A 476 -27.96 -7.93 -36.51
C LYS A 476 -28.49 -9.30 -36.10
N GLU A 477 -27.71 -10.00 -35.28
CA GLU A 477 -28.09 -11.32 -34.78
C GLU A 477 -29.51 -11.32 -34.24
N SER A 478 -29.73 -10.60 -33.14
CA SER A 478 -31.04 -10.49 -32.55
C SER A 478 -31.75 -9.23 -33.06
N GLY A 479 -32.96 -9.41 -33.58
CA GLY A 479 -33.70 -8.32 -34.20
C GLY A 479 -33.96 -7.13 -33.30
N ILE A 480 -33.62 -7.25 -32.03
CA ILE A 480 -33.81 -6.17 -31.07
C ILE A 480 -33.30 -4.84 -31.62
N GLN A 481 -34.05 -3.77 -31.36
CA GLN A 481 -33.63 -2.43 -31.76
C GLN A 481 -33.83 -1.45 -30.63
N PHE A 482 -32.78 -0.71 -30.30
CA PHE A 482 -32.83 0.23 -29.19
C PHE A 482 -33.27 1.60 -29.67
N SER A 483 -33.97 2.33 -28.79
CA SER A 483 -34.39 3.69 -29.10
C SER A 483 -33.17 4.58 -29.22
N GLU A 484 -33.38 5.82 -29.64
CA GLU A 484 -32.29 6.77 -29.73
C GLU A 484 -31.73 7.06 -28.35
N LEU A 485 -32.62 7.15 -27.36
CA LEU A 485 -32.24 7.40 -25.97
C LEU A 485 -31.42 6.27 -25.42
N GLU A 486 -31.86 5.04 -25.67
CA GLU A 486 -31.14 3.86 -25.23
C GLU A 486 -29.74 3.88 -25.80
N GLY A 487 -29.62 4.31 -27.05
CA GLY A 487 -28.33 4.44 -27.69
C GLY A 487 -27.51 5.56 -27.05
N GLN A 488 -28.18 6.62 -26.64
CA GLN A 488 -27.51 7.75 -26.01
C GLN A 488 -27.01 7.40 -24.60
N VAL A 489 -27.74 6.52 -23.92
CA VAL A 489 -27.36 6.10 -22.58
C VAL A 489 -26.12 5.22 -22.66
N LEU A 490 -26.08 4.37 -23.68
CA LEU A 490 -24.91 3.57 -23.97
C LEU A 490 -23.71 4.48 -24.18
N GLN A 491 -23.93 5.60 -24.86
CA GLN A 491 -22.88 6.57 -25.11
C GLN A 491 -22.33 7.15 -23.81
N PHE A 492 -23.20 7.35 -22.82
CA PHE A 492 -22.73 7.85 -21.53
C PHE A 492 -21.70 6.90 -20.96
N HIS A 493 -22.03 5.62 -20.94
CA HIS A 493 -21.14 4.60 -20.39
C HIS A 493 -19.83 4.56 -21.16
N LEU A 494 -19.90 4.76 -22.47
CA LEU A 494 -18.70 4.75 -23.26
C LEU A 494 -17.85 5.91 -22.85
N SER A 495 -18.50 7.03 -22.61
CA SER A 495 -17.81 8.24 -22.23
C SER A 495 -17.07 8.07 -20.90
N ASN A 496 -17.65 7.24 -20.08
CA ASN A 496 -17.14 7.01 -18.74
C ASN A 496 -15.87 6.17 -18.80
N LEU A 497 -15.78 5.31 -19.82
CA LEU A 497 -14.57 4.56 -20.11
C LEU A 497 -13.47 5.49 -20.56
N GLU A 498 -13.85 6.47 -21.37
CA GLU A 498 -12.88 7.40 -21.93
C GLU A 498 -12.33 8.32 -20.85
N TYR A 499 -13.19 8.73 -19.93
CA TYR A 499 -12.74 9.48 -18.77
C TYR A 499 -11.70 8.65 -17.99
N ALA A 500 -12.03 7.38 -17.75
CA ALA A 500 -11.15 6.49 -16.98
C ALA A 500 -9.77 6.32 -17.61
N CYS A 501 -9.74 6.22 -18.94
CA CYS A 501 -8.49 5.99 -19.65
C CYS A 501 -7.78 7.29 -20.05
N GLY A 502 -8.53 8.39 -20.02
CA GLY A 502 -8.00 9.66 -20.51
C GLY A 502 -7.78 9.62 -22.01
N SER A 503 -8.63 8.88 -22.72
CA SER A 503 -8.52 8.77 -24.17
C SER A 503 -9.81 8.32 -24.85
N ASN A 504 -10.00 8.77 -26.09
CA ASN A 504 -11.02 8.23 -26.95
C ASN A 504 -10.79 6.74 -27.07
N LEU A 505 -11.85 5.94 -27.06
CA LEU A 505 -11.70 4.48 -26.99
C LEU A 505 -11.06 3.85 -28.23
N HIS A 506 -10.94 4.60 -29.31
CA HIS A 506 -10.34 4.04 -30.52
C HIS A 506 -8.81 4.09 -30.47
N GLN A 507 -8.30 4.62 -29.37
CA GLN A 507 -6.87 4.64 -29.10
C GLN A 507 -6.47 3.58 -28.08
N VAL A 508 -7.43 3.16 -27.25
CA VAL A 508 -7.09 2.26 -26.15
C VAL A 508 -7.18 0.77 -26.51
N SER A 509 -6.25 -0.01 -25.94
CA SER A 509 -6.11 -1.43 -26.24
C SER A 509 -7.30 -2.24 -25.74
N ALA A 510 -7.90 -3.02 -26.64
CA ALA A 510 -8.93 -3.97 -26.22
C ALA A 510 -8.33 -5.05 -25.33
N ARG A 511 -7.11 -5.49 -25.66
CA ARG A 511 -6.45 -6.53 -24.89
C ARG A 511 -6.04 -6.10 -23.48
N SER A 512 -5.62 -4.85 -23.33
CA SER A 512 -4.87 -4.44 -22.14
C SER A 512 -5.42 -3.23 -21.39
N TRP A 513 -6.60 -2.74 -21.78
CA TRP A 513 -7.12 -1.52 -21.16
C TRP A 513 -7.23 -1.62 -19.65
N ASP A 514 -7.56 -2.82 -19.16
CA ASP A 514 -7.78 -3.05 -17.73
C ASP A 514 -6.73 -4.01 -17.16
N HIS A 515 -5.56 -4.04 -17.79
CA HIS A 515 -4.48 -4.95 -17.44
C HIS A 515 -4.18 -5.01 -15.93
N ASN A 516 -4.25 -3.87 -15.26
CA ASN A 516 -3.80 -3.79 -13.87
C ASN A 516 -4.63 -4.64 -12.92
N GLU A 517 -5.88 -4.93 -13.31
CA GLU A 517 -6.76 -5.72 -12.46
C GLU A 517 -6.34 -7.19 -12.37
N PHE A 518 -5.32 -7.59 -13.13
CA PHE A 518 -4.69 -8.89 -12.93
C PHE A 518 -4.15 -8.94 -11.50
N PHE A 519 -3.77 -7.78 -10.97
CA PHE A 519 -3.22 -7.71 -9.62
C PHE A 519 -4.27 -7.21 -8.63
N ALA A 520 -4.11 -7.57 -7.36
CA ALA A 520 -5.01 -7.14 -6.31
C ALA A 520 -5.08 -5.62 -6.28
N GLN A 521 -6.30 -5.08 -6.27
CA GLN A 521 -6.50 -3.64 -6.30
C GLN A 521 -6.98 -3.11 -4.95
N PHE A 522 -6.99 -1.78 -4.82
CA PHE A 522 -7.40 -1.13 -3.58
C PHE A 522 -8.90 -1.26 -3.36
N ALA A 523 -9.28 -1.94 -2.30
CA ALA A 523 -10.68 -2.15 -1.98
C ALA A 523 -11.26 -0.98 -1.19
N GLY A 524 -12.58 -1.00 -1.00
CA GLY A 524 -13.23 -0.08 -0.09
C GLY A 524 -13.61 1.26 -0.70
N ASP A 525 -14.02 2.17 0.17
CA ASP A 525 -14.56 3.47 -0.24
C ASP A 525 -13.74 4.19 -1.30
N HIS A 526 -14.44 4.81 -2.23
CA HIS A 526 -13.88 5.88 -3.04
C HIS A 526 -14.30 7.17 -2.37
N THR A 527 -13.36 8.10 -2.22
CA THR A 527 -13.65 9.31 -1.46
C THR A 527 -13.24 10.59 -2.18
N LEU A 528 -13.81 11.69 -1.76
CA LEU A 528 -13.36 13.00 -2.16
C LEU A 528 -12.42 13.48 -1.11
N LEU A 529 -11.20 13.77 -1.51
CA LEU A 529 -10.23 14.35 -0.59
C LEU A 529 -10.54 15.83 -0.44
N THR A 530 -11.51 16.14 0.42
CA THR A 530 -12.05 17.50 0.50
C THR A 530 -11.02 18.60 0.76
N PRO A 531 -10.04 18.35 1.64
CA PRO A 531 -8.98 19.35 1.85
C PRO A 531 -8.02 19.43 0.65
N GLY A 532 -8.07 18.44 -0.24
CA GLY A 532 -7.20 18.42 -1.40
C GLY A 532 -5.89 17.69 -1.18
N TYR A 533 -5.36 17.09 -2.25
CA TYR A 533 -4.10 16.37 -2.17
C TYR A 533 -2.93 17.27 -1.80
N SER A 534 -3.09 18.57 -2.03
CA SER A 534 -2.01 19.51 -1.78
C SER A 534 -1.54 19.50 -0.32
N VAL A 535 -2.44 19.21 0.61
CA VAL A 535 -2.03 19.17 2.02
C VAL A 535 -1.03 18.05 2.25
N ILE A 536 -1.25 16.92 1.58
CA ILE A 536 -0.34 15.81 1.70
C ILE A 536 0.98 16.15 1.02
N ILE A 537 0.87 16.76 -0.16
CA ILE A 537 2.04 17.20 -0.91
C ILE A 537 2.92 18.14 -0.10
N GLU A 538 2.30 19.15 0.46
CA GLU A 538 3.04 20.12 1.25
C GLU A 538 3.82 19.43 2.33
N LYS A 539 3.14 18.51 2.98
CA LYS A 539 3.68 17.84 4.14
C LYS A 539 4.87 16.95 3.76
N LEU A 540 4.78 16.29 2.61
CA LEU A 540 5.87 15.45 2.15
C LEU A 540 7.11 16.29 1.86
N ALA A 541 6.89 17.45 1.25
CA ALA A 541 7.99 18.29 0.78
C ALA A 541 8.62 19.13 1.88
N GLU A 542 7.89 19.31 2.97
CA GLU A 542 8.34 20.21 4.03
C GLU A 542 9.74 19.88 4.55
N GLY A 543 10.67 20.79 4.34
CA GLY A 543 12.01 20.64 4.87
C GLY A 543 12.98 19.89 3.99
N LEU A 544 12.53 19.53 2.79
CA LEU A 544 13.41 18.85 1.84
C LEU A 544 14.16 19.89 1.03
N ASP A 545 15.27 19.46 0.42
CA ASP A 545 16.05 20.32 -0.45
C ASP A 545 15.45 20.27 -1.85
N ILE A 546 14.62 21.27 -2.18
CA ILE A 546 13.92 21.28 -3.44
C ILE A 546 14.28 22.53 -4.24
N GLN A 547 14.72 22.34 -5.48
CA GLN A 547 15.04 23.44 -6.38
C GLN A 547 13.94 23.61 -7.41
N LEU A 548 13.22 24.72 -7.33
CA LEU A 548 12.17 25.03 -8.29
C LEU A 548 12.75 25.71 -9.54
N LYS A 549 11.95 25.80 -10.59
CA LYS A 549 12.36 26.44 -11.83
C LYS A 549 13.72 25.90 -12.30
N SER A 550 13.89 24.59 -12.14
CA SER A 550 15.13 23.94 -12.53
C SER A 550 14.84 22.75 -13.43
N PRO A 551 14.46 23.02 -14.68
CA PRO A 551 14.12 21.94 -15.62
C PRO A 551 15.38 21.18 -16.01
N VAL A 552 15.39 19.88 -15.79
CA VAL A 552 16.55 19.07 -16.20
C VAL A 552 16.50 18.86 -17.70
N GLN A 553 17.67 18.97 -18.33
CA GLN A 553 17.76 18.80 -19.77
C GLN A 553 18.70 17.67 -20.13
N CYS A 554 19.73 17.49 -19.32
CA CYS A 554 20.73 16.46 -19.58
C CYS A 554 20.99 15.58 -18.35
N ILE A 555 21.06 14.28 -18.58
CA ILE A 555 21.50 13.34 -17.57
C ILE A 555 22.62 12.47 -18.13
N ASP A 556 23.81 12.56 -17.54
CA ASP A 556 24.95 11.78 -18.01
C ASP A 556 25.43 10.82 -16.92
N TYR A 557 25.23 9.53 -17.16
CA TYR A 557 25.66 8.51 -16.23
C TYR A 557 26.75 7.61 -16.80
N SER A 558 27.67 8.20 -17.57
CA SER A 558 28.75 7.46 -18.20
C SER A 558 30.01 7.47 -17.35
N GLY A 559 30.07 8.40 -16.39
CA GLY A 559 31.23 8.54 -15.53
C GLY A 559 31.01 7.98 -14.13
N ASP A 560 31.90 8.35 -13.22
CA ASP A 560 31.87 7.83 -11.86
C ASP A 560 30.60 8.20 -11.11
N GLU A 561 30.08 9.39 -11.35
CA GLU A 561 28.77 9.74 -10.82
C GLU A 561 27.95 10.56 -11.80
N VAL A 562 26.64 10.61 -11.57
CA VAL A 562 25.72 11.19 -12.53
C VAL A 562 25.86 12.71 -12.59
N GLN A 563 26.03 13.22 -13.80
CA GLN A 563 26.04 14.65 -14.06
C GLN A 563 24.68 15.05 -14.58
N VAL A 564 24.02 15.96 -13.86
CA VAL A 564 22.71 16.46 -14.25
C VAL A 564 22.82 17.95 -14.57
N THR A 565 22.33 18.35 -15.75
CA THR A 565 22.39 19.75 -16.16
C THR A 565 21.00 20.30 -16.50
N THR A 566 20.66 21.46 -15.95
CA THR A 566 19.37 22.10 -16.23
C THR A 566 19.39 22.84 -17.57
N THR A 567 18.22 23.34 -17.96
CA THR A 567 18.07 24.06 -19.23
C THR A 567 18.88 25.35 -19.27
N ASP A 568 19.21 25.92 -18.11
CA ASP A 568 20.03 27.13 -18.09
C ASP A 568 21.52 26.85 -17.87
N GLY A 569 21.89 25.56 -17.84
CA GLY A 569 23.28 25.16 -17.78
C GLY A 569 23.81 24.90 -16.39
N THR A 570 22.94 24.95 -15.39
CA THR A 570 23.36 24.71 -14.01
C THR A 570 23.68 23.23 -13.78
N GLY A 571 24.81 22.96 -13.14
CA GLY A 571 25.28 21.61 -12.95
C GLY A 571 24.98 21.01 -11.59
N TYR A 572 24.52 19.77 -11.59
CA TYR A 572 24.32 19.00 -10.37
C TYR A 572 24.95 17.64 -10.55
N SER A 573 25.37 17.03 -9.44
CA SER A 573 25.96 15.70 -9.50
C SER A 573 25.62 14.89 -8.25
N ALA A 574 25.44 13.59 -8.45
CA ALA A 574 25.19 12.68 -7.35
C ALA A 574 25.51 11.27 -7.78
N GLN A 575 25.54 10.36 -6.82
CA GLN A 575 25.86 8.96 -7.11
C GLN A 575 24.72 8.31 -7.90
N LYS A 576 23.48 8.67 -7.57
CA LYS A 576 22.33 8.08 -8.21
C LYS A 576 21.27 9.13 -8.60
N VAL A 577 20.48 8.83 -9.63
CA VAL A 577 19.44 9.74 -10.08
C VAL A 577 18.12 9.02 -10.28
N LEU A 578 17.04 9.65 -9.84
CA LEU A 578 15.70 9.11 -10.03
C LEU A 578 14.89 10.06 -10.90
N VAL A 579 14.34 9.55 -12.00
CA VAL A 579 13.50 10.38 -12.86
C VAL A 579 12.03 10.02 -12.68
N THR A 580 11.20 11.04 -12.46
CA THR A 580 9.79 10.83 -12.19
C THR A 580 8.94 11.71 -13.09
N VAL A 581 9.52 12.16 -14.20
CA VAL A 581 8.81 13.04 -15.12
C VAL A 581 7.67 12.29 -15.77
N PRO A 582 6.61 13.02 -16.19
CA PRO A 582 5.42 12.39 -16.78
C PRO A 582 5.74 11.64 -18.07
N LEU A 583 4.94 10.62 -18.36
CA LEU A 583 5.12 9.79 -19.54
C LEU A 583 5.31 10.65 -20.81
N ALA A 584 4.46 11.65 -20.97
CA ALA A 584 4.53 12.51 -22.15
C ALA A 584 5.90 13.13 -22.35
N LEU A 585 6.55 13.52 -21.26
CA LEU A 585 7.85 14.16 -21.34
C LEU A 585 8.95 13.17 -21.73
N LEU A 586 8.81 11.92 -21.28
CA LEU A 586 9.70 10.85 -21.74
C LEU A 586 9.49 10.59 -23.23
N GLN A 587 8.23 10.62 -23.66
CA GLN A 587 7.89 10.40 -25.06
C GLN A 587 8.43 11.54 -25.95
N LYS A 588 8.41 12.76 -25.42
CA LYS A 588 8.89 13.91 -26.16
C LYS A 588 10.41 13.95 -26.21
N GLY A 589 11.06 13.21 -25.30
CA GLY A 589 12.50 13.17 -25.23
C GLY A 589 13.09 14.48 -24.77
N ALA A 590 12.42 15.13 -23.82
CA ALA A 590 12.85 16.43 -23.33
C ALA A 590 14.15 16.35 -22.51
N ILE A 591 14.45 15.16 -21.99
CA ILE A 591 15.71 14.96 -21.28
C ILE A 591 16.67 14.15 -22.15
N GLN A 592 17.88 14.68 -22.32
CA GLN A 592 18.93 13.99 -23.05
C GLN A 592 19.67 13.01 -22.13
N PHE A 593 19.52 11.71 -22.41
CA PHE A 593 20.20 10.66 -21.65
C PHE A 593 21.49 10.21 -22.32
N ASN A 594 22.57 10.14 -21.54
CA ASN A 594 23.83 9.60 -22.05
C ASN A 594 24.45 8.62 -21.07
N PRO A 595 24.55 7.35 -21.45
CA PRO A 595 24.10 6.79 -22.74
C PRO A 595 22.57 6.82 -22.88
N PRO A 596 22.08 6.71 -24.12
CA PRO A 596 20.64 6.82 -24.40
C PRO A 596 19.86 5.65 -23.82
N LEU A 597 18.59 5.88 -23.48
CA LEU A 597 17.71 4.81 -23.03
C LEU A 597 17.69 3.70 -24.07
N SER A 598 17.50 2.47 -23.60
CA SER A 598 17.51 1.32 -24.50
C SER A 598 16.35 1.36 -25.49
N GLU A 599 16.53 0.68 -26.62
CA GLU A 599 15.43 0.54 -27.56
C GLU A 599 14.24 -0.15 -26.90
N LYS A 600 14.52 -1.12 -26.04
CA LYS A 600 13.46 -1.82 -25.33
C LYS A 600 12.62 -0.83 -24.51
N LYS A 601 13.31 0.00 -23.73
CA LYS A 601 12.62 1.02 -22.94
C LYS A 601 11.80 1.98 -23.82
N MET A 602 12.38 2.42 -24.93
CA MET A 602 11.69 3.36 -25.80
C MET A 602 10.38 2.76 -26.36
N LYS A 603 10.43 1.50 -26.74
CA LYS A 603 9.24 0.80 -27.23
C LYS A 603 8.15 0.77 -26.17
N ALA A 604 8.54 0.48 -24.93
CA ALA A 604 7.58 0.46 -23.82
C ALA A 604 7.02 1.85 -23.57
N ILE A 605 7.91 2.85 -23.57
CA ILE A 605 7.51 4.22 -23.33
C ILE A 605 6.47 4.67 -24.37
N ASN A 606 6.70 4.31 -25.63
CA ASN A 606 5.80 4.68 -26.72
C ASN A 606 4.57 3.79 -26.83
N SER A 607 4.57 2.64 -26.17
CA SER A 607 3.43 1.74 -26.25
C SER A 607 2.31 2.16 -25.31
N LEU A 608 2.63 3.06 -24.37
CA LEU A 608 1.61 3.61 -23.49
C LEU A 608 1.13 4.96 -24.00
N GLY A 609 -0.10 5.32 -23.66
CA GLY A 609 -0.65 6.59 -24.07
C GLY A 609 -0.59 7.63 -22.97
N ALA A 610 -0.18 8.84 -23.32
CA ALA A 610 -0.27 9.96 -22.40
C ALA A 610 -1.71 10.44 -22.35
N GLY A 611 -2.54 9.79 -21.52
CA GLY A 611 -3.95 10.11 -21.42
C GLY A 611 -4.20 11.52 -20.92
N ILE A 612 -5.35 12.06 -21.26
CA ILE A 612 -5.66 13.44 -20.92
C ILE A 612 -7.15 13.64 -20.63
N ILE A 613 -7.42 14.46 -19.61
CA ILE A 613 -8.74 15.02 -19.39
C ILE A 613 -8.49 16.44 -18.91
N GLU A 614 -9.51 17.29 -19.01
CA GLU A 614 -9.44 18.62 -18.42
C GLU A 614 -10.62 18.80 -17.47
N LYS A 615 -10.49 19.70 -16.51
CA LYS A 615 -11.55 19.93 -15.55
C LYS A 615 -12.04 21.37 -15.66
N ILE A 616 -13.31 21.57 -15.36
CA ILE A 616 -13.86 22.91 -15.19
C ILE A 616 -14.49 22.96 -13.81
N ALA A 617 -14.30 24.07 -13.11
CA ALA A 617 -14.96 24.28 -11.83
C ALA A 617 -15.78 25.55 -11.92
N LEU A 618 -16.98 25.53 -11.34
CA LEU A 618 -17.89 26.68 -11.42
C LEU A 618 -18.47 27.03 -10.05
N GLN A 619 -18.40 28.29 -9.68
CA GLN A 619 -19.01 28.76 -8.43
C GLN A 619 -20.31 29.47 -8.73
N PHE A 620 -21.32 29.26 -7.89
CA PHE A 620 -22.63 29.86 -8.09
C PHE A 620 -23.08 30.64 -6.86
N PRO A 621 -24.12 31.50 -7.04
CA PRO A 621 -24.69 32.28 -5.93
C PRO A 621 -25.45 31.39 -4.96
N TYR A 622 -26.01 30.29 -5.46
CA TYR A 622 -26.78 29.39 -4.61
C TYR A 622 -26.85 28.00 -5.23
N ARG A 623 -27.26 27.03 -4.43
CA ARG A 623 -27.27 25.63 -4.84
C ARG A 623 -28.49 25.29 -5.68
N PHE A 624 -28.49 25.71 -6.95
CA PHE A 624 -29.69 25.61 -7.79
C PHE A 624 -30.13 24.17 -8.08
N TRP A 625 -29.23 23.20 -7.86
CA TRP A 625 -29.51 21.82 -8.23
C TRP A 625 -30.12 20.95 -7.13
N ASP A 626 -30.25 21.49 -5.92
CA ASP A 626 -30.69 20.67 -4.78
C ASP A 626 -32.05 19.99 -4.97
N SER A 627 -33.02 20.72 -5.50
CA SER A 627 -34.35 20.17 -5.72
C SER A 627 -34.29 18.87 -6.51
N LYS A 628 -33.70 18.95 -7.70
CA LYS A 628 -33.64 17.81 -8.61
C LYS A 628 -32.61 16.74 -8.21
N VAL A 629 -31.46 17.17 -7.71
CA VAL A 629 -30.37 16.23 -7.45
C VAL A 629 -30.49 15.53 -6.08
N GLN A 630 -31.11 16.22 -5.13
CA GLN A 630 -31.48 15.60 -3.85
C GLN A 630 -30.29 15.05 -3.06
N GLY A 631 -29.18 15.78 -3.04
CA GLY A 631 -28.08 15.42 -2.18
C GLY A 631 -27.07 14.43 -2.75
N ALA A 632 -27.30 13.95 -3.97
CA ALA A 632 -26.37 13.02 -4.61
C ALA A 632 -25.02 13.71 -4.79
N ASP A 633 -23.94 12.93 -4.69
CA ASP A 633 -22.60 13.50 -4.82
C ASP A 633 -22.33 13.99 -6.24
N PHE A 634 -23.00 13.36 -7.21
CA PHE A 634 -22.79 13.68 -8.61
C PHE A 634 -24.03 13.34 -9.42
N PHE A 635 -24.07 13.87 -10.65
CA PHE A 635 -25.12 13.51 -11.60
C PHE A 635 -24.55 13.39 -13.01
N GLY A 636 -25.13 12.48 -13.78
CA GLY A 636 -24.65 12.20 -15.13
C GLY A 636 -25.37 13.04 -16.17
N HIS A 637 -24.75 13.12 -17.34
CA HIS A 637 -25.27 13.91 -18.45
C HIS A 637 -25.37 13.03 -19.67
N VAL A 638 -26.60 12.71 -20.10
CA VAL A 638 -26.78 11.87 -21.27
C VAL A 638 -26.37 12.63 -22.51
N PRO A 639 -25.48 12.03 -23.32
CA PRO A 639 -24.95 12.67 -24.54
C PRO A 639 -25.99 12.75 -25.65
N PRO A 640 -26.12 13.91 -26.29
CA PRO A 640 -27.00 14.07 -27.46
C PRO A 640 -26.48 13.27 -28.64
N SER A 641 -25.16 13.09 -28.69
CA SER A 641 -24.53 12.37 -29.79
C SER A 641 -23.22 11.74 -29.35
N ALA A 642 -22.74 10.77 -30.13
CA ALA A 642 -21.49 10.09 -29.82
C ALA A 642 -20.32 11.07 -29.81
N SER A 643 -20.34 12.02 -30.73
CA SER A 643 -19.24 12.97 -30.86
C SER A 643 -19.06 13.84 -29.63
N LYS A 644 -20.17 14.14 -28.96
CA LYS A 644 -20.17 15.08 -27.84
C LYS A 644 -20.12 14.39 -26.48
N ARG A 645 -20.00 13.07 -26.47
CA ARG A 645 -20.20 12.29 -25.26
C ARG A 645 -19.28 12.64 -24.07
N GLY A 646 -18.06 13.05 -24.37
CA GLY A 646 -17.10 13.37 -23.32
C GLY A 646 -17.14 14.82 -22.86
N LEU A 647 -18.14 15.57 -23.33
CA LEU A 647 -18.29 16.96 -22.95
C LEU A 647 -19.16 17.09 -21.70
N PHE A 648 -18.51 17.06 -20.54
CA PHE A 648 -19.21 17.20 -19.26
C PHE A 648 -20.17 16.05 -18.98
N ALA A 649 -19.66 14.82 -18.97
CA ALA A 649 -20.50 13.65 -18.76
C ALA A 649 -20.98 13.50 -17.32
N VAL A 650 -20.17 13.98 -16.37
CA VAL A 650 -20.50 13.88 -14.95
C VAL A 650 -20.25 15.22 -14.25
N PHE A 651 -21.17 15.62 -13.39
CA PHE A 651 -21.01 16.84 -12.61
C PHE A 651 -20.88 16.48 -11.15
N TYR A 652 -19.90 17.07 -10.47
CA TYR A 652 -19.61 16.73 -9.09
C TYR A 652 -19.96 17.88 -8.17
N ASP A 653 -20.75 17.59 -7.13
CA ASP A 653 -21.06 18.58 -6.11
C ASP A 653 -19.87 18.63 -5.17
N MET A 654 -19.19 19.77 -5.14
CA MET A 654 -17.91 19.86 -4.45
C MET A 654 -17.99 20.23 -2.97
N ASP A 655 -19.20 20.30 -2.43
CA ASP A 655 -19.36 20.47 -0.98
C ASP A 655 -20.25 19.39 -0.37
N PRO A 656 -19.62 18.34 0.18
CA PRO A 656 -20.34 17.26 0.87
C PRO A 656 -21.18 17.76 2.04
N GLN A 657 -20.95 18.99 2.50
CA GLN A 657 -21.76 19.55 3.58
C GLN A 657 -23.01 20.23 3.03
N LYS A 658 -23.12 20.26 1.70
CA LYS A 658 -24.30 20.81 1.02
C LYS A 658 -24.57 22.26 1.40
N LYS A 659 -23.52 23.04 1.64
CA LYS A 659 -23.66 24.43 2.04
C LYS A 659 -23.23 25.36 0.93
N HIS A 660 -22.10 25.06 0.30
CA HIS A 660 -21.55 25.91 -0.74
C HIS A 660 -22.00 25.44 -2.12
N SER A 661 -21.79 26.29 -3.12
CA SER A 661 -22.31 26.03 -4.46
C SER A 661 -21.19 25.98 -5.49
N VAL A 662 -20.44 24.90 -5.49
CA VAL A 662 -19.40 24.70 -6.50
C VAL A 662 -19.64 23.40 -7.24
N LEU A 663 -19.72 23.46 -8.56
CA LEU A 663 -19.78 22.25 -9.36
C LEU A 663 -18.46 22.02 -10.11
N MET A 664 -18.11 20.76 -10.29
CA MET A 664 -16.95 20.41 -11.09
C MET A 664 -17.37 19.43 -12.16
N SER A 665 -16.78 19.57 -13.35
CA SER A 665 -17.05 18.61 -14.40
C SER A 665 -15.80 18.34 -15.20
N VAL A 666 -15.87 17.36 -16.08
CA VAL A 666 -14.69 16.88 -16.79
C VAL A 666 -14.91 16.88 -18.29
N ILE A 667 -13.81 17.04 -19.02
CA ILE A 667 -13.81 16.98 -20.47
C ILE A 667 -12.94 15.81 -20.89
N ALA A 668 -13.53 14.83 -21.58
CA ALA A 668 -12.82 13.61 -21.93
C ALA A 668 -13.01 13.21 -23.40
N GLY A 669 -12.24 12.22 -23.83
CA GLY A 669 -12.36 11.68 -25.17
C GLY A 669 -12.24 12.73 -26.25
N GLU A 670 -13.10 12.60 -27.26
CA GLU A 670 -13.12 13.48 -28.42
C GLU A 670 -13.21 14.96 -28.02
N ALA A 671 -14.01 15.23 -26.99
CA ALA A 671 -14.25 16.60 -26.53
C ALA A 671 -12.99 17.33 -26.05
N VAL A 672 -11.95 16.60 -25.67
CA VAL A 672 -10.71 17.27 -25.29
C VAL A 672 -10.14 18.01 -26.51
N ALA A 673 -10.24 17.38 -27.68
CA ALA A 673 -9.76 17.99 -28.91
C ALA A 673 -10.61 19.20 -29.27
N SER A 674 -11.93 19.03 -29.19
CA SER A 674 -12.86 20.07 -29.63
C SER A 674 -12.71 21.34 -28.82
N VAL A 675 -11.95 21.27 -27.73
CA VAL A 675 -11.83 22.40 -26.83
C VAL A 675 -10.46 23.08 -26.90
N ARG A 676 -9.55 22.52 -27.70
CA ARG A 676 -8.17 23.01 -27.71
C ARG A 676 -8.01 24.41 -28.31
N THR A 677 -8.92 24.81 -29.18
CA THR A 677 -8.85 26.13 -29.81
C THR A 677 -9.85 27.10 -29.18
N LEU A 678 -10.60 26.63 -28.18
CA LEU A 678 -11.56 27.48 -27.50
C LEU A 678 -10.90 28.12 -26.30
N ASP A 679 -11.18 29.39 -26.05
CA ASP A 679 -10.66 30.01 -24.83
C ASP A 679 -11.51 29.61 -23.63
N ASP A 680 -11.04 29.91 -22.43
CA ASP A 680 -11.73 29.49 -21.21
C ASP A 680 -13.19 29.96 -21.19
N LYS A 681 -13.42 31.22 -21.55
CA LYS A 681 -14.78 31.76 -21.58
C LYS A 681 -15.71 30.93 -22.47
N GLN A 682 -15.20 30.51 -23.63
CA GLN A 682 -16.00 29.71 -24.54
C GLN A 682 -16.34 28.34 -23.94
N VAL A 683 -15.39 27.74 -23.23
CA VAL A 683 -15.64 26.46 -22.59
C VAL A 683 -16.71 26.65 -21.51
N LEU A 684 -16.56 27.72 -20.73
CA LEU A 684 -17.53 28.07 -19.70
C LEU A 684 -18.93 28.24 -20.31
N GLN A 685 -19.00 28.90 -21.47
CA GLN A 685 -20.28 29.11 -22.14
C GLN A 685 -20.96 27.80 -22.49
N GLN A 686 -20.19 26.84 -22.99
CA GLN A 686 -20.73 25.55 -23.38
C GLN A 686 -21.17 24.74 -22.17
N CYS A 687 -20.47 24.92 -21.05
CA CYS A 687 -20.82 24.21 -19.83
C CYS A 687 -22.12 24.77 -19.26
N MET A 688 -22.25 26.09 -19.27
CA MET A 688 -23.47 26.73 -18.79
C MET A 688 -24.65 26.40 -19.70
N ALA A 689 -24.40 26.30 -21.00
CA ALA A 689 -25.45 25.92 -21.95
C ALA A 689 -25.92 24.49 -21.65
N THR A 690 -24.96 23.64 -21.30
CA THR A 690 -25.23 22.26 -20.93
C THR A 690 -26.07 22.18 -19.66
N LEU A 691 -25.70 22.96 -18.65
CA LEU A 691 -26.43 22.97 -17.39
C LEU A 691 -27.87 23.47 -17.57
N ARG A 692 -28.03 24.52 -18.38
CA ARG A 692 -29.37 25.05 -18.62
C ARG A 692 -30.23 24.05 -19.38
N GLU A 693 -29.59 23.16 -20.13
CA GLU A 693 -30.30 22.04 -20.75
C GLU A 693 -30.68 20.98 -19.72
N LEU A 694 -29.71 20.60 -18.88
CA LEU A 694 -29.94 19.56 -17.89
C LEU A 694 -31.01 19.97 -16.88
N PHE A 695 -31.10 21.28 -16.64
CA PHE A 695 -32.07 21.83 -15.70
C PHE A 695 -33.03 22.74 -16.46
N LYS A 696 -33.60 22.19 -17.54
CA LYS A 696 -34.39 22.98 -18.48
C LYS A 696 -35.64 23.60 -17.86
N GLU A 697 -36.31 22.84 -16.99
CA GLU A 697 -37.58 23.31 -16.42
C GLU A 697 -37.40 24.23 -15.21
N GLN A 698 -36.21 24.79 -15.05
CA GLN A 698 -35.95 25.75 -14.00
C GLN A 698 -34.90 26.76 -14.46
N GLU A 699 -34.66 27.78 -13.64
CA GLU A 699 -33.67 28.79 -13.97
C GLU A 699 -32.31 28.40 -13.36
N VAL A 700 -31.24 28.83 -13.99
CA VAL A 700 -29.89 28.58 -13.50
C VAL A 700 -29.13 29.90 -13.37
N PRO A 701 -28.58 30.18 -12.18
CA PRO A 701 -27.91 31.46 -11.97
C PRO A 701 -26.61 31.51 -12.77
N ASP A 702 -26.06 32.71 -12.97
CA ASP A 702 -24.78 32.83 -13.63
C ASP A 702 -23.68 32.41 -12.67
N PRO A 703 -22.60 31.82 -13.20
CA PRO A 703 -21.46 31.51 -12.32
C PRO A 703 -20.73 32.79 -11.97
N THR A 704 -20.14 32.85 -10.78
CA THR A 704 -19.46 34.04 -10.29
C THR A 704 -17.94 33.86 -10.23
N LYS A 705 -17.48 32.65 -10.52
CA LYS A 705 -16.06 32.34 -10.48
C LYS A 705 -15.86 30.95 -11.08
N TYR A 706 -14.81 30.77 -11.87
CA TYR A 706 -14.58 29.48 -12.51
C TYR A 706 -13.13 29.28 -12.94
N PHE A 707 -12.77 28.03 -13.19
CA PHE A 707 -11.53 27.75 -13.91
C PHE A 707 -11.71 26.68 -14.98
N VAL A 708 -10.82 26.69 -15.96
CA VAL A 708 -10.76 25.65 -16.97
C VAL A 708 -9.29 25.24 -17.05
N THR A 709 -9.02 23.95 -16.87
CA THR A 709 -7.63 23.48 -16.85
C THR A 709 -7.08 23.28 -18.26
N ARG A 710 -5.76 23.41 -18.41
CA ARG A 710 -5.12 23.17 -19.69
C ARG A 710 -3.88 22.31 -19.48
N TRP A 711 -4.07 21.17 -18.82
CA TRP A 711 -2.98 20.25 -18.57
C TRP A 711 -2.31 19.82 -19.88
N SER A 712 -3.12 19.69 -20.92
CA SER A 712 -2.65 19.24 -22.23
C SER A 712 -1.48 20.09 -22.71
N THR A 713 -1.49 21.37 -22.34
CA THR A 713 -0.51 22.32 -22.85
C THR A 713 0.42 22.86 -21.77
N ASP A 714 0.35 22.27 -20.58
CA ASP A 714 1.37 22.54 -19.57
C ASP A 714 2.63 21.81 -20.02
N PRO A 715 3.68 22.56 -20.37
CA PRO A 715 4.89 22.07 -21.04
C PRO A 715 5.61 20.94 -20.29
N TRP A 716 5.61 20.99 -18.97
CA TRP A 716 6.33 19.98 -18.20
C TRP A 716 5.43 18.84 -17.75
N ILE A 717 4.19 18.84 -18.24
CA ILE A 717 3.25 17.78 -17.87
C ILE A 717 2.52 17.17 -19.07
N GLN A 718 1.71 17.98 -19.75
CA GLN A 718 1.15 17.58 -21.05
C GLN A 718 0.24 16.35 -21.04
N MET A 719 -0.36 16.04 -19.89
CA MET A 719 -1.24 14.88 -19.78
C MET A 719 -1.96 14.86 -18.45
N ALA A 720 -2.83 13.87 -18.27
CA ALA A 720 -3.50 13.62 -17.00
C ALA A 720 -3.05 12.29 -16.35
N TYR A 721 -3.16 11.22 -17.12
CA TYR A 721 -2.72 9.91 -16.65
C TYR A 721 -2.57 8.91 -17.79
N SER A 722 -1.70 7.93 -17.58
CA SER A 722 -1.37 6.98 -18.63
C SER A 722 -2.46 5.94 -18.88
N PHE A 723 -2.39 5.31 -20.05
CA PHE A 723 -3.22 4.17 -20.38
C PHE A 723 -2.47 3.29 -21.38
N VAL A 724 -2.98 2.09 -21.63
CA VAL A 724 -2.34 1.22 -22.61
C VAL A 724 -2.90 1.43 -24.01
N LYS A 725 -2.06 1.94 -24.90
CA LYS A 725 -2.44 2.11 -26.30
C LYS A 725 -2.54 0.76 -27.00
N THR A 726 -3.38 0.70 -28.03
CA THR A 726 -3.53 -0.51 -28.84
C THR A 726 -2.15 -1.04 -29.20
N GLY A 727 -1.96 -2.34 -29.09
CA GLY A 727 -0.67 -2.95 -29.32
C GLY A 727 0.16 -3.09 -28.06
N GLY A 728 -0.24 -2.40 -27.00
CA GLY A 728 0.55 -2.34 -25.78
C GLY A 728 0.24 -3.42 -24.76
N SER A 729 1.14 -3.57 -23.80
CA SER A 729 1.00 -4.53 -22.72
C SER A 729 1.25 -3.86 -21.38
N GLY A 730 0.66 -4.42 -20.33
CA GLY A 730 0.90 -3.94 -18.97
C GLY A 730 2.37 -4.04 -18.60
N GLU A 731 3.07 -5.01 -19.19
CA GLU A 731 4.48 -5.21 -18.90
C GLU A 731 5.27 -3.93 -19.16
N ALA A 732 4.73 -3.07 -20.00
CA ALA A 732 5.38 -1.80 -20.33
C ALA A 732 5.68 -1.02 -19.06
N TYR A 733 4.75 -1.03 -18.10
CA TYR A 733 4.95 -0.33 -16.85
C TYR A 733 6.19 -0.86 -16.12
N ASP A 734 6.37 -2.18 -16.11
CA ASP A 734 7.55 -2.80 -15.50
C ASP A 734 8.85 -2.40 -16.21
N ILE A 735 8.83 -2.41 -17.53
CA ILE A 735 10.02 -2.08 -18.33
C ILE A 735 10.46 -0.64 -18.11
N ILE A 736 9.50 0.27 -18.08
CA ILE A 736 9.81 1.66 -17.79
C ILE A 736 10.35 1.79 -16.38
N ALA A 737 9.84 0.95 -15.48
CA ALA A 737 10.22 0.99 -14.06
C ALA A 737 11.65 0.51 -13.81
N GLU A 738 12.18 -0.28 -14.72
CA GLU A 738 13.47 -0.94 -14.57
C GLU A 738 14.64 0.05 -14.42
N ASP A 739 15.42 -0.03 -13.34
CA ASP A 739 16.58 0.84 -13.18
C ASP A 739 17.62 0.52 -14.24
N ILE A 740 18.49 1.48 -14.52
CA ILE A 740 19.60 1.25 -15.43
C ILE A 740 20.90 1.20 -14.64
N GLN A 741 21.49 0.01 -14.59
CA GLN A 741 22.79 -0.21 -13.96
C GLN A 741 22.83 0.24 -12.50
N GLY A 742 21.69 0.10 -11.83
CA GLY A 742 21.56 0.56 -10.46
C GLY A 742 22.04 1.99 -10.28
N THR A 743 21.92 2.79 -11.33
CA THR A 743 22.40 4.17 -11.30
C THR A 743 21.29 5.15 -11.63
N VAL A 744 20.49 4.83 -12.65
CA VAL A 744 19.35 5.65 -13.03
C VAL A 744 18.06 4.89 -12.74
N PHE A 745 17.20 5.51 -11.95
CA PHE A 745 15.96 4.88 -11.52
C PHE A 745 14.76 5.66 -12.04
N PHE A 746 13.62 4.97 -12.16
CA PHE A 746 12.41 5.58 -12.69
C PHE A 746 11.21 5.38 -11.77
N ALA A 747 10.45 6.45 -11.53
CA ALA A 747 9.19 6.33 -10.82
C ALA A 747 8.15 7.25 -11.48
N GLY A 748 6.93 7.25 -10.96
CA GLY A 748 5.84 7.99 -11.55
C GLY A 748 4.66 7.05 -11.85
N GLU A 749 3.47 7.61 -12.02
CA GLU A 749 2.27 6.79 -12.23
C GLU A 749 2.41 5.84 -13.42
N ALA A 750 3.15 6.27 -14.44
CA ALA A 750 3.35 5.46 -15.63
C ALA A 750 4.41 4.39 -15.46
N THR A 751 4.87 4.17 -14.22
CA THR A 751 5.85 3.11 -13.93
C THR A 751 5.27 2.08 -12.95
N ASN A 752 4.03 2.28 -12.56
CA ASN A 752 3.40 1.39 -11.59
C ASN A 752 2.37 0.48 -12.27
N ARG A 753 2.67 -0.70 -12.60
CA ARG A 753 1.85 -1.65 -13.33
C ARG A 753 0.64 -2.10 -12.52
N HIS A 754 0.88 -2.23 -11.17
CA HIS A 754 -0.23 -2.61 -10.31
C HIS A 754 -1.22 -1.47 -10.19
N PHE A 755 -0.70 -0.27 -9.96
CA PHE A 755 -1.53 0.88 -9.64
C PHE A 755 -1.14 2.08 -10.52
N PRO A 756 -1.46 2.00 -11.81
CA PRO A 756 -1.20 3.08 -12.76
C PRO A 756 -2.14 4.28 -12.53
N GLN A 757 -1.77 5.43 -13.07
CA GLN A 757 -2.69 6.57 -13.18
C GLN A 757 -2.83 7.44 -11.92
N THR A 758 -2.73 6.84 -10.75
CA THR A 758 -3.18 7.52 -9.53
C THR A 758 -2.07 8.17 -8.71
N VAL A 759 -2.47 9.12 -7.86
CA VAL A 759 -1.55 9.71 -6.91
C VAL A 759 -0.98 8.59 -6.03
N THR A 760 -1.85 7.71 -5.58
CA THR A 760 -1.43 6.56 -4.78
C THR A 760 -0.36 5.75 -5.51
N GLY A 761 -0.62 5.44 -6.78
CA GLY A 761 0.30 4.65 -7.57
C GLY A 761 1.62 5.37 -7.75
N ALA A 762 1.55 6.67 -7.96
CA ALA A 762 2.76 7.47 -8.13
C ALA A 762 3.52 7.48 -6.81
N TYR A 763 2.80 7.74 -5.74
CA TYR A 763 3.39 7.70 -4.40
C TYR A 763 4.09 6.37 -4.14
N LEU A 764 3.42 5.27 -4.45
CA LEU A 764 3.99 3.94 -4.19
C LEU A 764 5.22 3.64 -5.07
N SER A 765 5.24 4.18 -6.27
CA SER A 765 6.40 3.98 -7.14
C SER A 765 7.62 4.68 -6.58
N GLY A 766 7.40 5.79 -5.88
CA GLY A 766 8.48 6.51 -5.23
C GLY A 766 9.02 5.75 -4.03
N VAL A 767 8.12 5.19 -3.24
CA VAL A 767 8.51 4.35 -2.10
C VAL A 767 9.29 3.14 -2.60
N ARG A 768 8.82 2.56 -3.69
CA ARG A 768 9.48 1.42 -4.34
C ARG A 768 10.94 1.75 -4.69
N GLU A 769 11.14 2.89 -5.34
CA GLU A 769 12.46 3.28 -5.80
C GLU A 769 13.36 3.69 -4.64
N ALA A 770 12.78 4.34 -3.63
CA ALA A 770 13.54 4.67 -2.42
C ALA A 770 14.10 3.41 -1.77
N SER A 771 13.30 2.35 -1.74
CA SER A 771 13.76 1.07 -1.21
C SER A 771 14.92 0.51 -2.03
N LYS A 772 14.76 0.49 -3.34
CA LYS A 772 15.82 0.03 -4.25
C LYS A 772 17.10 0.82 -4.07
N ILE A 773 16.97 2.14 -3.98
CA ILE A 773 18.13 3.02 -3.87
C ILE A 773 18.82 2.86 -2.52
N ALA A 774 18.03 2.68 -1.47
CA ALA A 774 18.58 2.58 -0.12
C ALA A 774 19.30 1.25 0.11
N ALA A 775 18.88 0.22 -0.61
CA ALA A 775 19.50 -1.10 -0.50
C ALA A 775 20.97 -1.03 -0.90
N PHE A 776 21.25 -0.29 -1.97
CA PHE A 776 22.63 -0.12 -2.44
C PHE A 776 23.51 0.44 -1.34
N ASP B 70 0.76 -17.42 -6.39
CA ASP B 70 -0.33 -16.71 -7.05
C ASP B 70 -0.08 -15.20 -6.99
N PRO B 71 0.51 -14.65 -8.07
CA PRO B 71 0.93 -13.25 -8.21
C PRO B 71 -0.15 -12.24 -7.81
N HIS B 72 -1.40 -12.60 -8.03
CA HIS B 72 -2.53 -11.70 -7.78
C HIS B 72 -2.49 -11.04 -6.39
N PHE B 73 -2.33 -11.87 -5.36
CA PHE B 73 -2.49 -11.46 -3.96
C PHE B 73 -1.28 -10.75 -3.35
N HIS B 74 -0.09 -11.05 -3.86
CA HIS B 74 1.17 -10.58 -3.28
C HIS B 74 1.16 -9.08 -2.91
N HIS B 75 1.80 -8.76 -1.80
CA HIS B 75 1.96 -7.37 -1.39
C HIS B 75 2.90 -6.66 -2.35
N PHE B 76 2.44 -5.54 -2.90
CA PHE B 76 3.18 -4.80 -3.93
C PHE B 76 4.61 -4.44 -3.53
N LEU B 77 4.81 -4.05 -2.27
CA LEU B 77 6.12 -3.58 -1.83
C LEU B 77 7.02 -4.72 -1.35
N LEU B 78 6.50 -5.94 -1.36
CA LEU B 78 7.26 -7.11 -0.93
C LEU B 78 7.40 -8.18 -2.01
N SER B 79 7.26 -7.76 -3.27
CA SER B 79 7.41 -8.67 -4.40
C SER B 79 8.29 -8.06 -5.48
N GLN B 80 9.12 -7.10 -5.08
CA GLN B 80 10.02 -6.43 -6.01
C GLN B 80 11.27 -7.26 -6.25
N THR B 81 11.27 -8.48 -5.70
CA THR B 81 12.42 -9.38 -5.69
C THR B 81 13.74 -8.66 -5.39
N ALA C 1 -7.64 3.15 -16.90
CA ALA C 1 -8.02 1.84 -16.36
C ALA C 1 -9.36 1.92 -15.65
N ARG C 2 -10.05 0.78 -15.56
CA ARG C 2 -11.36 0.72 -14.95
C ARG C 2 -11.34 1.31 -13.54
N THR C 3 -10.22 1.08 -12.85
CA THR C 3 -10.05 1.48 -11.46
C THR C 3 -10.12 3.00 -11.25
N MET C 4 -10.03 3.75 -12.33
CA MET C 4 -10.12 5.22 -12.26
C MET C 4 -11.57 5.67 -12.07
N GLN C 5 -12.52 4.77 -12.32
CA GLN C 5 -13.94 5.12 -12.28
C GLN C 5 -14.48 5.16 -10.85
N THR C 6 -15.18 6.24 -10.52
CA THR C 6 -15.87 6.34 -9.24
C THR C 6 -17.38 6.29 -9.47
N ALA C 7 -17.91 7.34 -10.10
CA ALA C 7 -19.30 7.37 -10.47
C ALA C 7 -19.59 6.35 -11.58
N ARG C 8 -20.63 5.55 -11.39
CA ARG C 8 -21.09 4.66 -12.44
C ARG C 8 -20.00 3.73 -12.94
N LYS C 9 -19.36 3.00 -12.02
CA LYS C 9 -18.30 2.08 -12.38
C LYS C 9 -18.81 1.02 -13.35
N SER C 10 -17.97 0.65 -14.32
CA SER C 10 -18.28 -0.47 -15.20
C SER C 10 -18.00 -1.76 -14.44
N THR C 11 -18.64 -2.85 -14.83
CA THR C 11 -18.49 -4.12 -14.11
C THR C 11 -18.14 -5.29 -15.01
N GLY C 12 -18.49 -5.19 -16.29
CA GLY C 12 -18.28 -6.29 -17.22
C GLY C 12 -16.83 -6.50 -17.62
N GLY C 13 -16.52 -7.73 -18.03
CA GLY C 13 -15.19 -8.05 -18.55
C GLY C 13 -14.18 -8.46 -17.49
N LYS C 14 -14.63 -8.60 -16.25
CA LYS C 14 -13.71 -8.95 -15.16
C LYS C 14 -13.35 -10.42 -15.16
N ALA C 15 -12.09 -10.72 -14.88
CA ALA C 15 -11.63 -12.10 -14.73
C ALA C 15 -12.28 -12.70 -13.48
N PRO C 16 -12.35 -14.04 -13.42
CA PRO C 16 -12.91 -14.72 -12.25
C PRO C 16 -12.20 -14.32 -10.96
N ARG C 17 -12.95 -14.34 -9.87
CA ARG C 17 -12.46 -13.93 -8.56
C ARG C 17 -11.71 -15.06 -7.88
N LYS C 18 -10.51 -14.76 -7.39
CA LYS C 18 -9.72 -15.73 -6.65
C LYS C 18 -9.89 -15.56 -5.14
N GLN C 19 -9.86 -16.67 -4.41
CA GLN C 19 -10.16 -16.66 -2.98
C GLN C 19 -9.10 -17.43 -2.18
N LEU C 20 -8.31 -16.70 -1.40
CA LEU C 20 -7.25 -17.31 -0.58
C LEU C 20 -7.76 -18.41 0.36
N ALA C 21 -7.26 -19.63 0.17
CA ALA C 21 -7.65 -20.74 1.04
C ALA C 21 -6.46 -21.25 1.86
N THR C 22 -6.15 -20.55 2.95
CA THR C 22 -5.01 -20.92 3.77
C THR C 22 -5.38 -21.99 4.81
N LYS C 23 -4.39 -22.71 5.31
CA LYS C 23 -4.66 -23.75 6.30
C LYS C 23 -4.59 -23.21 7.73
N ALA C 24 -3.95 -22.05 7.90
CA ALA C 24 -3.76 -21.48 9.21
C ALA C 24 -5.09 -21.04 9.81
N ALA C 25 -6.14 -21.19 9.01
CA ALA C 25 -7.47 -20.70 9.35
C ALA C 25 -8.27 -21.68 10.22
N ARG C 26 -8.75 -21.17 11.32
CA ARG C 26 -9.52 -21.95 12.25
C ARG C 26 -10.71 -22.60 11.55
#